data_2N90
#
_entry.id   2N90
#
_entity_poly.entity_id   1
_entity_poly.type   'polypeptide(L)'
_entity_poly.pdbx_seq_one_letter_code
;MKKDETPFGVSVAVGLAVFACLFLSTLLLVLNKAGRRNK
;
_entity_poly.pdbx_strand_id   A,B
#
# COMPACT_ATOMS: atom_id res chain seq x y z
N MET A 1 -16.87 -17.29 -5.51
CA MET A 1 -16.83 -16.69 -6.83
C MET A 1 -17.86 -15.57 -6.95
N LYS A 2 -18.97 -15.71 -6.25
CA LYS A 2 -20.03 -14.71 -6.26
C LYS A 2 -20.38 -14.26 -4.85
N LYS A 3 -20.16 -12.98 -4.57
CA LYS A 3 -20.46 -12.42 -3.26
C LYS A 3 -21.04 -11.01 -3.38
N ASP A 4 -21.54 -10.49 -2.27
CA ASP A 4 -22.12 -9.14 -2.25
C ASP A 4 -21.04 -8.09 -2.46
N GLU A 5 -21.45 -6.82 -2.42
CA GLU A 5 -20.52 -5.71 -2.60
C GLU A 5 -21.17 -4.38 -2.20
N THR A 6 -21.27 -4.16 -0.90
CA THR A 6 -21.87 -2.94 -0.37
C THR A 6 -20.80 -1.91 -0.01
N PRO A 7 -21.20 -0.64 0.06
CA PRO A 7 -20.29 0.47 0.40
C PRO A 7 -19.84 0.42 1.86
N PHE A 8 -18.56 0.68 2.09
CA PHE A 8 -18.00 0.67 3.43
C PHE A 8 -16.76 1.55 3.52
N GLY A 9 -16.92 2.73 4.11
CA GLY A 9 -15.81 3.65 4.25
C GLY A 9 -15.19 4.02 2.91
N VAL A 10 -15.74 5.06 2.28
CA VAL A 10 -15.23 5.51 0.99
C VAL A 10 -13.87 6.18 1.13
N SER A 11 -13.81 7.21 1.97
CA SER A 11 -12.56 7.94 2.20
C SER A 11 -11.43 6.99 2.55
N VAL A 12 -11.77 5.90 3.24
CA VAL A 12 -10.77 4.91 3.63
C VAL A 12 -10.30 4.09 2.44
N ALA A 13 -11.26 3.52 1.70
CA ALA A 13 -10.94 2.71 0.53
C ALA A 13 -10.17 3.53 -0.50
N VAL A 14 -10.53 4.81 -0.62
CA VAL A 14 -9.88 5.70 -1.58
C VAL A 14 -8.42 5.91 -1.22
N GLY A 15 -8.17 6.37 0.00
CA GLY A 15 -6.80 6.60 0.44
C GLY A 15 -5.96 5.34 0.41
N LEU A 16 -6.44 4.31 1.09
CA LEU A 16 -5.72 3.04 1.15
C LEU A 16 -5.38 2.54 -0.26
N ALA A 17 -6.38 2.50 -1.12
CA ALA A 17 -6.18 2.05 -2.50
C ALA A 17 -5.03 2.81 -3.16
N VAL A 18 -5.09 4.13 -3.10
CA VAL A 18 -4.06 4.97 -3.69
C VAL A 18 -2.68 4.55 -3.23
N PHE A 19 -2.52 4.36 -1.93
CA PHE A 19 -1.24 3.96 -1.36
C PHE A 19 -0.78 2.64 -1.95
N ALA A 20 -1.63 1.63 -1.88
CA ALA A 20 -1.32 0.31 -2.41
C ALA A 20 -1.00 0.38 -3.90
N CYS A 21 -1.75 1.22 -4.61
CA CYS A 21 -1.55 1.38 -6.05
C CYS A 21 -0.13 1.83 -6.35
N LEU A 22 0.38 2.75 -5.55
CA LEU A 22 1.73 3.27 -5.72
C LEU A 22 2.77 2.19 -5.46
N PHE A 23 2.55 1.42 -4.40
CA PHE A 23 3.47 0.34 -4.03
C PHE A 23 3.65 -0.64 -5.17
N LEU A 24 2.54 -1.01 -5.80
CA LEU A 24 2.57 -1.96 -6.92
C LEU A 24 3.22 -1.32 -8.14
N SER A 25 3.03 -0.03 -8.30
CA SER A 25 3.60 0.70 -9.43
C SER A 25 5.13 0.82 -9.29
N THR A 26 5.58 1.02 -8.06
CA THR A 26 7.00 1.14 -7.79
C THR A 26 7.74 -0.18 -8.04
N LEU A 27 7.21 -1.25 -7.46
CA LEU A 27 7.81 -2.57 -7.62
C LEU A 27 7.79 -3.00 -9.08
N LEU A 28 6.70 -2.68 -9.77
CA LEU A 28 6.55 -3.03 -11.18
C LEU A 28 7.64 -2.39 -12.03
N LEU A 29 7.88 -1.11 -11.78
CA LEU A 29 8.91 -0.37 -12.52
C LEU A 29 10.30 -0.86 -12.15
N VAL A 30 10.50 -1.15 -10.87
CA VAL A 30 11.79 -1.62 -10.39
C VAL A 30 12.24 -2.86 -11.15
N LEU A 31 11.33 -3.82 -11.31
CA LEU A 31 11.64 -5.06 -12.01
C LEU A 31 11.84 -4.79 -13.51
N ASN A 32 10.90 -4.06 -14.10
CA ASN A 32 10.98 -3.72 -15.52
C ASN A 32 12.32 -3.07 -15.85
N LYS A 33 12.68 -2.04 -15.08
CA LYS A 33 13.92 -1.32 -15.29
C LYS A 33 15.12 -2.18 -14.91
N ALA A 34 14.96 -2.97 -13.85
CA ALA A 34 16.03 -3.84 -13.38
C ALA A 34 17.30 -3.05 -13.09
N GLY A 35 17.13 -1.83 -12.61
CA GLY A 35 18.28 -0.98 -12.30
C GLY A 35 17.90 0.25 -11.53
N ARG A 36 18.39 0.35 -10.30
CA ARG A 36 18.10 1.50 -9.44
C ARG A 36 18.83 2.75 -9.94
N ARG A 37 18.17 3.90 -9.83
CA ARG A 37 18.76 5.16 -10.28
C ARG A 37 19.39 5.89 -9.10
N ASN A 38 20.68 6.19 -9.22
CA ASN A 38 21.40 6.89 -8.15
C ASN A 38 21.04 8.38 -8.14
N LYS A 39 21.56 9.10 -7.16
CA LYS A 39 21.30 10.53 -7.04
C LYS A 39 21.61 11.26 -8.34
N MET B 1 -9.64 14.45 20.89
CA MET B 1 -9.53 13.56 22.04
C MET B 1 -10.69 12.56 22.05
N LYS B 2 -11.85 13.00 21.57
CA LYS B 2 -13.03 12.14 21.53
C LYS B 2 -13.62 12.11 20.13
N LYS B 3 -13.63 10.92 19.53
CA LYS B 3 -14.17 10.75 18.18
C LYS B 3 -14.91 9.42 18.06
N ASP B 4 -15.66 9.26 16.97
CA ASP B 4 -16.41 8.03 16.73
C ASP B 4 -15.48 6.89 16.33
N GLU B 5 -16.06 5.71 16.14
CA GLU B 5 -15.29 4.53 15.76
C GLU B 5 -16.20 3.37 15.39
N THR B 6 -16.83 3.47 14.23
CA THR B 6 -17.74 2.43 13.76
C THR B 6 -17.06 1.51 12.75
N PRO B 7 -17.61 0.31 12.57
CA PRO B 7 -17.07 -0.69 11.64
C PRO B 7 -17.26 -0.28 10.18
N PHE B 8 -16.22 -0.47 9.37
CA PHE B 8 -16.28 -0.13 7.95
C PHE B 8 -15.28 -0.96 7.15
N GLY B 9 -15.80 -1.97 6.45
CA GLY B 9 -14.95 -2.83 5.65
C GLY B 9 -13.78 -3.38 6.45
N VAL B 10 -14.01 -4.50 7.12
CA VAL B 10 -12.96 -5.14 7.92
C VAL B 10 -11.93 -5.83 7.03
N SER B 11 -12.38 -6.84 6.29
CA SER B 11 -11.49 -7.58 5.40
C SER B 11 -10.75 -6.64 4.46
N VAL B 12 -11.40 -5.55 4.08
CA VAL B 12 -10.80 -4.57 3.19
C VAL B 12 -9.73 -3.76 3.91
N ALA B 13 -10.09 -3.18 5.05
CA ALA B 13 -9.15 -2.38 5.84
C ALA B 13 -7.94 -3.20 6.24
N VAL B 14 -8.17 -4.48 6.55
CA VAL B 14 -7.09 -5.37 6.96
C VAL B 14 -6.10 -5.59 5.82
N GLY B 15 -6.61 -6.05 4.67
CA GLY B 15 -5.76 -6.30 3.53
C GLY B 15 -5.06 -5.05 3.05
N LEU B 16 -5.84 -4.01 2.77
CA LEU B 16 -5.28 -2.74 2.30
C LEU B 16 -4.19 -2.24 3.23
N ALA B 17 -4.50 -2.19 4.52
CA ALA B 17 -3.54 -1.73 5.52
C ALA B 17 -2.21 -2.49 5.38
N VAL B 18 -2.29 -3.81 5.40
CA VAL B 18 -1.11 -4.65 5.28
C VAL B 18 -0.25 -4.23 4.08
N PHE B 19 -0.90 -4.07 2.94
CA PHE B 19 -0.20 -3.68 1.72
C PHE B 19 0.51 -2.34 1.91
N ALA B 20 -0.23 -1.33 2.36
CA ALA B 20 0.34 -0.01 2.58
C ALA B 20 1.47 -0.07 3.61
N CYS B 21 1.29 -0.89 4.63
CA CYS B 21 2.30 -1.04 5.68
C CYS B 21 3.64 -1.48 5.08
N LEU B 22 3.58 -2.44 4.17
CA LEU B 22 4.80 -2.95 3.53
C LEU B 22 5.46 -1.87 2.67
N PHE B 23 4.64 -1.11 1.95
CA PHE B 23 5.15 -0.05 1.09
C PHE B 23 5.96 0.96 1.89
N LEU B 24 5.44 1.33 3.06
CA LEU B 24 6.13 2.29 3.92
C LEU B 24 7.39 1.69 4.52
N SER B 25 7.35 0.38 4.78
CA SER B 25 8.50 -0.32 5.35
C SER B 25 9.65 -0.39 4.35
N THR B 26 9.31 -0.54 3.07
CA THR B 26 10.32 -0.62 2.01
C THR B 26 10.98 0.74 1.79
N LEU B 27 10.16 1.77 1.65
CA LEU B 27 10.67 3.12 1.43
C LEU B 27 11.47 3.61 2.63
N LEU B 28 11.04 3.21 3.82
CA LEU B 28 11.72 3.59 5.05
C LEU B 28 13.09 2.93 5.15
N LEU B 29 13.16 1.68 4.72
CA LEU B 29 14.42 0.93 4.77
C LEU B 29 15.44 1.53 3.80
N VAL B 30 15.04 1.68 2.55
CA VAL B 30 15.92 2.24 1.52
C VAL B 30 16.38 3.64 1.91
N LEU B 31 15.44 4.45 2.37
CA LEU B 31 15.75 5.83 2.77
C LEU B 31 16.63 5.84 4.01
N ASN B 32 16.29 5.00 4.98
CA ASN B 32 17.07 4.92 6.22
C ASN B 32 18.55 4.70 5.92
N LYS B 33 18.83 3.77 5.02
CA LYS B 33 20.22 3.47 4.65
C LYS B 33 20.86 4.66 3.93
N ALA B 34 20.11 5.28 3.03
CA ALA B 34 20.61 6.44 2.29
C ALA B 34 21.94 6.12 1.64
N GLY B 35 22.08 4.90 1.13
CA GLY B 35 23.31 4.50 0.48
C GLY B 35 23.15 3.25 -0.36
N ARG B 36 23.39 3.37 -1.65
CA ARG B 36 23.26 2.24 -2.56
C ARG B 36 24.39 1.23 -2.35
N ARG B 37 24.07 -0.06 -2.49
CA ARG B 37 25.07 -1.11 -2.30
C ARG B 37 25.69 -1.51 -3.63
N ASN B 38 27.01 -1.41 -3.71
CA ASN B 38 27.74 -1.76 -4.93
C ASN B 38 27.82 -3.27 -5.10
N LYS B 39 28.38 -3.71 -6.22
CA LYS B 39 28.51 -5.13 -6.51
C LYS B 39 29.20 -5.85 -5.36
N MET A 1 -27.47 -11.14 8.82
CA MET A 1 -27.76 -10.22 9.92
C MET A 1 -26.46 -9.64 10.49
N LYS A 2 -25.38 -10.42 10.39
CA LYS A 2 -24.09 -10.00 10.90
C LYS A 2 -23.24 -9.38 9.80
N LYS A 3 -23.27 -9.98 8.62
CA LYS A 3 -22.51 -9.50 7.48
C LYS A 3 -23.41 -8.72 6.52
N ASP A 4 -22.92 -7.60 6.02
CA ASP A 4 -23.67 -6.78 5.09
C ASP A 4 -23.02 -6.77 3.71
N GLU A 5 -23.62 -6.06 2.77
CA GLU A 5 -23.10 -5.97 1.41
C GLU A 5 -21.68 -5.40 1.41
N THR A 6 -21.56 -4.11 1.71
CA THR A 6 -20.27 -3.45 1.75
C THR A 6 -20.25 -2.33 2.78
N PRO A 7 -19.04 -1.94 3.21
CA PRO A 7 -18.86 -0.86 4.19
C PRO A 7 -19.22 0.52 3.63
N PHE A 8 -19.35 1.49 4.51
CA PHE A 8 -19.69 2.85 4.10
C PHE A 8 -18.47 3.77 4.23
N GLY A 9 -17.28 3.17 4.34
CA GLY A 9 -16.06 3.95 4.46
C GLY A 9 -15.36 4.13 3.13
N VAL A 10 -16.08 4.63 2.13
CA VAL A 10 -15.51 4.84 0.81
C VAL A 10 -14.21 5.64 0.90
N SER A 11 -14.21 6.67 1.74
CA SER A 11 -13.03 7.50 1.90
C SER A 11 -11.79 6.67 2.23
N VAL A 12 -12.00 5.62 3.02
CA VAL A 12 -10.91 4.74 3.42
C VAL A 12 -10.41 3.92 2.22
N ALA A 13 -11.34 3.26 1.54
CA ALA A 13 -10.99 2.45 0.38
C ALA A 13 -10.26 3.28 -0.68
N VAL A 14 -10.66 4.54 -0.80
CA VAL A 14 -10.05 5.43 -1.78
C VAL A 14 -8.59 5.70 -1.43
N GLY A 15 -8.36 6.21 -0.23
CA GLY A 15 -7.00 6.51 0.20
C GLY A 15 -6.12 5.27 0.23
N LEU A 16 -6.57 4.24 0.94
CA LEU A 16 -5.82 3.00 1.05
C LEU A 16 -5.43 2.48 -0.34
N ALA A 17 -6.42 2.36 -1.22
CA ALA A 17 -6.19 1.87 -2.58
C ALA A 17 -5.07 2.64 -3.25
N VAL A 18 -5.17 3.97 -3.23
CA VAL A 18 -4.16 4.83 -3.84
C VAL A 18 -2.77 4.46 -3.36
N PHE A 19 -2.62 4.32 -2.04
CA PHE A 19 -1.33 3.98 -1.45
C PHE A 19 -0.82 2.64 -2.00
N ALA A 20 -1.65 1.62 -1.89
CA ALA A 20 -1.29 0.29 -2.38
C ALA A 20 -0.96 0.32 -3.87
N CYS A 21 -1.72 1.11 -4.62
CA CYS A 21 -1.51 1.23 -6.06
C CYS A 21 -0.09 1.71 -6.37
N LEU A 22 0.36 2.70 -5.59
CA LEU A 22 1.71 3.25 -5.79
C LEU A 22 2.77 2.22 -5.47
N PHE A 23 2.56 1.47 -4.39
CA PHE A 23 3.51 0.44 -3.98
C PHE A 23 3.74 -0.58 -5.09
N LEU A 24 2.65 -1.03 -5.71
CA LEU A 24 2.73 -2.00 -6.79
C LEU A 24 3.31 -1.36 -8.05
N SER A 25 3.11 -0.05 -8.19
CA SER A 25 3.60 0.68 -9.35
C SER A 25 5.11 0.91 -9.25
N THR A 26 5.59 1.11 -8.03
CA THR A 26 7.01 1.33 -7.79
C THR A 26 7.81 0.05 -7.98
N LEU A 27 7.31 -1.05 -7.40
CA LEU A 27 7.98 -2.34 -7.50
C LEU A 27 8.01 -2.82 -8.95
N LEU A 28 6.85 -2.80 -9.60
CA LEU A 28 6.76 -3.23 -10.99
C LEU A 28 7.68 -2.41 -11.88
N LEU A 29 7.71 -1.10 -11.65
CA LEU A 29 8.55 -0.20 -12.44
C LEU A 29 10.02 -0.56 -12.28
N VAL A 30 10.47 -0.73 -11.04
CA VAL A 30 11.85 -1.08 -10.76
C VAL A 30 12.23 -2.39 -11.44
N LEU A 31 11.48 -3.45 -11.14
CA LEU A 31 11.74 -4.77 -11.71
C LEU A 31 11.83 -4.67 -13.23
N ASN A 32 10.82 -4.08 -13.85
CA ASN A 32 10.78 -3.93 -15.30
C ASN A 32 12.03 -3.21 -15.80
N LYS A 33 12.36 -2.09 -15.15
CA LYS A 33 13.53 -1.30 -15.53
C LYS A 33 14.81 -2.11 -15.36
N ALA A 34 14.81 -2.99 -14.37
CA ALA A 34 15.98 -3.83 -14.10
C ALA A 34 15.59 -5.05 -13.26
N GLY A 35 15.48 -6.20 -13.92
CA GLY A 35 15.12 -7.42 -13.23
C GLY A 35 16.03 -7.71 -12.06
N ARG A 36 17.33 -7.76 -12.32
CA ARG A 36 18.32 -8.02 -11.27
C ARG A 36 18.95 -6.73 -10.77
N ARG A 37 19.07 -6.61 -9.45
CA ARG A 37 19.66 -5.42 -8.86
C ARG A 37 21.17 -5.36 -9.12
N ASN A 38 21.62 -4.23 -9.66
CA ASN A 38 23.03 -4.05 -9.97
C ASN A 38 23.41 -2.57 -9.97
N LYS A 39 24.67 -2.28 -9.69
CA LYS A 39 25.15 -0.90 -9.67
C LYS A 39 24.80 -0.18 -10.95
N MET B 1 -33.64 -2.59 10.86
CA MET B 1 -33.69 -3.83 10.10
C MET B 1 -32.88 -3.71 8.80
N LYS B 2 -32.80 -2.48 8.29
CA LYS B 2 -32.06 -2.21 7.06
C LYS B 2 -30.64 -1.76 7.37
N LYS B 3 -30.51 -0.89 8.36
CA LYS B 3 -29.20 -0.37 8.75
C LYS B 3 -28.69 -1.08 10.00
N ASP B 4 -27.40 -1.43 9.99
CA ASP B 4 -26.79 -2.11 11.12
C ASP B 4 -25.72 -1.23 11.76
N GLU B 5 -25.11 -1.75 12.83
CA GLU B 5 -24.07 -1.01 13.54
C GLU B 5 -22.90 -0.69 12.61
N THR B 6 -22.17 -1.73 12.20
CA THR B 6 -21.03 -1.56 11.31
C THR B 6 -20.91 -2.73 10.34
N PRO B 7 -20.18 -2.51 9.24
CA PRO B 7 -19.97 -3.54 8.21
C PRO B 7 -19.06 -4.65 8.71
N PHE B 8 -19.05 -5.78 7.98
CA PHE B 8 -18.22 -6.91 8.34
C PHE B 8 -17.09 -7.12 7.32
N GLY B 9 -16.81 -6.07 6.55
CA GLY B 9 -15.76 -6.14 5.56
C GLY B 9 -14.41 -5.72 6.10
N VAL B 10 -14.07 -6.23 7.27
CA VAL B 10 -12.79 -5.90 7.90
C VAL B 10 -11.61 -6.30 7.02
N SER B 11 -11.79 -7.40 6.27
CA SER B 11 -10.75 -7.89 5.39
C SER B 11 -10.23 -6.78 4.48
N VAL B 12 -11.12 -5.87 4.10
CA VAL B 12 -10.75 -4.76 3.23
C VAL B 12 -9.76 -3.83 3.91
N ALA B 13 -10.15 -3.33 5.08
CA ALA B 13 -9.29 -2.42 5.84
C ALA B 13 -8.02 -3.13 6.29
N VAL B 14 -8.14 -4.40 6.66
CA VAL B 14 -7.01 -5.19 7.11
C VAL B 14 -6.01 -5.40 5.97
N GLY B 15 -6.49 -5.98 4.87
CA GLY B 15 -5.62 -6.24 3.74
C GLY B 15 -4.96 -4.97 3.21
N LEU B 16 -5.78 -3.96 2.92
CA LEU B 16 -5.27 -2.70 2.40
C LEU B 16 -4.17 -2.14 3.31
N ALA B 17 -4.48 -2.04 4.60
CA ALA B 17 -3.52 -1.53 5.57
C ALA B 17 -2.19 -2.26 5.47
N VAL B 18 -2.24 -3.59 5.50
CA VAL B 18 -1.04 -4.40 5.41
C VAL B 18 -0.19 -4.00 4.21
N PHE B 19 -0.84 -3.88 3.05
CA PHE B 19 -0.14 -3.50 1.82
C PHE B 19 0.55 -2.16 1.99
N ALA B 20 -0.21 -1.15 2.41
CA ALA B 20 0.33 0.18 2.61
C ALA B 20 1.46 0.19 3.63
N CYS B 21 1.30 -0.62 4.67
CA CYS B 21 2.31 -0.73 5.72
C CYS B 21 3.66 -1.15 5.15
N LEU B 22 3.63 -2.14 4.26
CA LEU B 22 4.84 -2.64 3.63
C LEU B 22 5.48 -1.57 2.74
N PHE B 23 4.64 -0.85 2.02
CA PHE B 23 5.13 0.20 1.12
C PHE B 23 5.94 1.23 1.90
N LEU B 24 5.40 1.68 3.03
CA LEU B 24 6.08 2.67 3.86
C LEU B 24 7.31 2.06 4.54
N SER B 25 7.27 0.75 4.77
CA SER B 25 8.37 0.06 5.42
C SER B 25 9.54 -0.12 4.45
N THR B 26 9.21 -0.31 3.17
CA THR B 26 10.23 -0.50 2.14
C THR B 26 10.94 0.82 1.83
N LEU B 27 10.17 1.88 1.67
CA LEU B 27 10.72 3.20 1.37
C LEU B 27 11.61 3.69 2.52
N LEU B 28 11.06 3.66 3.74
CA LEU B 28 11.81 4.09 4.91
C LEU B 28 13.08 3.28 5.09
N LEU B 29 12.96 1.96 4.87
CA LEU B 29 14.10 1.07 5.01
C LEU B 29 15.22 1.46 4.05
N VAL B 30 14.87 1.64 2.78
CA VAL B 30 15.84 2.01 1.75
C VAL B 30 16.55 3.31 2.13
N LEU B 31 15.77 4.37 2.34
CA LEU B 31 16.32 5.67 2.70
C LEU B 31 17.25 5.54 3.90
N ASN B 32 16.74 4.97 4.98
CA ASN B 32 17.53 4.78 6.19
C ASN B 32 18.81 4.02 5.91
N LYS B 33 18.68 2.90 5.18
CA LYS B 33 19.83 2.08 4.84
C LYS B 33 20.84 2.87 4.00
N ALA B 34 20.33 3.76 3.17
CA ALA B 34 21.19 4.58 2.31
C ALA B 34 20.43 5.79 1.77
N GLY B 35 20.66 6.95 2.39
CA GLY B 35 19.99 8.16 1.95
C GLY B 35 20.20 8.45 0.48
N ARG B 36 21.47 8.52 0.07
CA ARG B 36 21.81 8.81 -1.32
C ARG B 36 22.19 7.52 -2.05
N ARG B 37 21.68 7.36 -3.27
CA ARG B 37 21.97 6.17 -4.06
C ARG B 37 23.42 6.17 -4.53
N ASN B 38 24.11 5.07 -4.26
CA ASN B 38 25.51 4.93 -4.65
C ASN B 38 25.90 3.47 -4.79
N LYS B 39 26.90 3.21 -5.62
CA LYS B 39 27.37 1.85 -5.86
C LYS B 39 27.69 1.15 -4.53
N MET A 1 -21.21 -8.38 0.27
CA MET A 1 -19.78 -8.21 0.11
C MET A 1 -19.47 -7.26 -1.05
N LYS A 2 -20.22 -7.41 -2.14
CA LYS A 2 -20.04 -6.56 -3.31
C LYS A 2 -21.23 -5.65 -3.52
N LYS A 3 -22.42 -6.17 -3.27
CA LYS A 3 -23.65 -5.39 -3.43
C LYS A 3 -23.91 -4.52 -2.20
N ASP A 4 -23.73 -3.22 -2.35
CA ASP A 4 -23.94 -2.28 -1.26
C ASP A 4 -24.77 -1.09 -1.72
N GLU A 5 -25.80 -0.75 -0.95
CA GLU A 5 -26.66 0.37 -1.27
C GLU A 5 -26.41 1.55 -0.34
N THR A 6 -25.93 1.25 0.86
CA THR A 6 -25.63 2.28 1.85
C THR A 6 -24.14 2.48 2.02
N PRO A 7 -23.58 3.48 1.32
CA PRO A 7 -22.15 3.79 1.37
C PRO A 7 -21.74 4.38 2.72
N PHE A 8 -20.49 4.17 3.10
CA PHE A 8 -19.97 4.69 4.36
C PHE A 8 -18.50 4.34 4.53
N GLY A 9 -17.64 5.36 4.54
CA GLY A 9 -16.22 5.14 4.70
C GLY A 9 -15.51 4.97 3.36
N VAL A 10 -16.08 5.56 2.32
CA VAL A 10 -15.50 5.47 0.99
C VAL A 10 -14.09 6.05 0.96
N SER A 11 -13.90 7.17 1.65
CA SER A 11 -12.60 7.83 1.70
C SER A 11 -11.51 6.84 2.13
N VAL A 12 -11.89 5.88 2.97
CA VAL A 12 -10.96 4.87 3.46
C VAL A 12 -10.47 3.98 2.33
N ALA A 13 -11.43 3.37 1.62
CA ALA A 13 -11.10 2.48 0.51
C ALA A 13 -10.38 3.23 -0.60
N VAL A 14 -10.73 4.50 -0.78
CA VAL A 14 -10.12 5.32 -1.81
C VAL A 14 -8.65 5.59 -1.49
N GLY A 15 -8.40 6.16 -0.32
CA GLY A 15 -7.03 6.46 0.08
C GLY A 15 -6.17 5.21 0.14
N LEU A 16 -6.63 4.20 0.85
CA LEU A 16 -5.88 2.95 0.98
C LEU A 16 -5.48 2.41 -0.38
N ALA A 17 -6.46 2.28 -1.28
CA ALA A 17 -6.21 1.77 -2.62
C ALA A 17 -5.08 2.55 -3.29
N VAL A 18 -5.19 3.88 -3.28
CA VAL A 18 -4.18 4.73 -3.89
C VAL A 18 -2.78 4.37 -3.39
N PHE A 19 -2.64 4.24 -2.08
CA PHE A 19 -1.36 3.89 -1.47
C PHE A 19 -0.84 2.57 -2.01
N ALA A 20 -1.67 1.53 -1.92
CA ALA A 20 -1.30 0.21 -2.41
C ALA A 20 -0.96 0.24 -3.89
N CYS A 21 -1.71 1.03 -4.65
CA CYS A 21 -1.49 1.15 -6.09
C CYS A 21 -0.08 1.64 -6.39
N LEU A 22 0.37 2.61 -5.60
CA LEU A 22 1.71 3.17 -5.78
C LEU A 22 2.78 2.14 -5.44
N PHE A 23 2.56 1.38 -4.37
CA PHE A 23 3.51 0.37 -3.95
C PHE A 23 3.75 -0.65 -5.06
N LEU A 24 2.67 -1.13 -5.66
CA LEU A 24 2.77 -2.09 -6.75
C LEU A 24 3.33 -1.45 -8.02
N SER A 25 3.11 -0.15 -8.15
CA SER A 25 3.59 0.59 -9.31
C SER A 25 5.09 0.83 -9.23
N THR A 26 5.58 1.04 -8.01
CA THR A 26 7.01 1.28 -7.80
C THR A 26 7.82 0.00 -7.97
N LEU A 27 7.32 -1.09 -7.39
CA LEU A 27 8.00 -2.38 -7.48
C LEU A 27 8.04 -2.87 -8.92
N LEU A 28 6.87 -2.89 -9.56
CA LEU A 28 6.77 -3.34 -10.95
C LEU A 28 7.65 -2.49 -11.86
N LEU A 29 7.66 -1.17 -11.61
CA LEU A 29 8.46 -0.25 -12.40
C LEU A 29 9.94 -0.58 -12.29
N VAL A 30 10.43 -0.68 -11.06
CA VAL A 30 11.84 -0.98 -10.83
C VAL A 30 12.25 -2.26 -11.55
N LEU A 31 11.55 -3.34 -11.26
CA LEU A 31 11.84 -4.63 -11.89
C LEU A 31 11.90 -4.50 -13.40
N ASN A 32 10.99 -3.69 -13.95
CA ASN A 32 10.94 -3.47 -15.40
C ASN A 32 12.21 -2.79 -15.89
N LYS A 33 12.70 -1.82 -15.14
CA LYS A 33 13.91 -1.09 -15.49
C LYS A 33 15.15 -1.96 -15.25
N ALA A 34 15.07 -2.84 -14.27
CA ALA A 34 16.19 -3.72 -13.94
C ALA A 34 17.42 -2.93 -13.55
N GLY A 35 17.22 -1.85 -12.79
CA GLY A 35 18.33 -1.02 -12.37
C GLY A 35 18.03 -0.25 -11.09
N ARG A 36 18.31 1.05 -11.11
CA ARG A 36 18.06 1.90 -9.95
C ARG A 36 16.77 2.69 -10.12
N ARG A 37 16.16 3.04 -8.99
CA ARG A 37 14.91 3.80 -9.01
C ARG A 37 15.15 5.25 -9.40
N ASN A 38 14.11 5.92 -9.85
CA ASN A 38 14.21 7.32 -10.26
C ASN A 38 13.62 8.24 -9.20
N LYS A 39 14.30 9.35 -8.94
CA LYS A 39 13.84 10.32 -7.95
C LYS A 39 12.64 11.12 -8.47
N MET B 1 -13.52 7.18 13.10
CA MET B 1 -12.31 6.56 12.59
C MET B 1 -11.97 5.31 13.40
N LYS B 2 -12.14 5.40 14.72
CA LYS B 2 -11.85 4.28 15.61
C LYS B 2 -13.15 3.73 16.23
N LYS B 3 -14.05 4.63 16.57
CA LYS B 3 -15.32 4.25 17.18
C LYS B 3 -16.33 3.83 16.11
N ASP B 4 -16.58 2.53 16.01
CA ASP B 4 -17.52 2.01 15.03
C ASP B 4 -18.44 0.97 15.66
N GLU B 5 -19.74 1.11 15.41
CA GLU B 5 -20.73 0.18 15.96
C GLU B 5 -21.27 -0.74 14.87
N THR B 6 -21.28 -0.25 13.64
CA THR B 6 -21.76 -1.03 12.51
C THR B 6 -20.63 -1.43 11.58
N PRO B 7 -19.92 -2.51 11.93
CA PRO B 7 -18.80 -3.02 11.13
C PRO B 7 -19.25 -3.63 9.81
N PHE B 8 -18.40 -3.54 8.80
CA PHE B 8 -18.71 -4.09 7.48
C PHE B 8 -17.55 -3.88 6.52
N GLY B 9 -16.93 -4.98 6.09
CA GLY B 9 -15.81 -4.89 5.17
C GLY B 9 -14.48 -4.78 5.89
N VAL B 10 -14.40 -5.34 7.09
CA VAL B 10 -13.18 -5.29 7.88
C VAL B 10 -12.01 -5.90 7.11
N SER B 11 -12.27 -7.02 6.45
CA SER B 11 -11.24 -7.71 5.67
C SER B 11 -10.57 -6.76 4.69
N VAL B 12 -11.33 -5.79 4.19
CA VAL B 12 -10.82 -4.81 3.24
C VAL B 12 -9.80 -3.89 3.89
N ALA B 13 -10.19 -3.28 5.01
CA ALA B 13 -9.31 -2.37 5.73
C ALA B 13 -8.06 -3.11 6.24
N VAL B 14 -8.24 -4.37 6.61
CA VAL B 14 -7.15 -5.19 7.11
C VAL B 14 -6.10 -5.42 6.02
N GLY B 15 -6.53 -6.00 4.90
CA GLY B 15 -5.62 -6.27 3.80
C GLY B 15 -4.96 -5.01 3.27
N LEU B 16 -5.79 -4.02 2.93
CA LEU B 16 -5.28 -2.75 2.40
C LEU B 16 -4.20 -2.18 3.31
N ALA B 17 -4.50 -2.06 4.59
CA ALA B 17 -3.56 -1.52 5.56
C ALA B 17 -2.22 -2.26 5.48
N VAL B 18 -2.27 -3.58 5.54
CA VAL B 18 -1.05 -4.39 5.46
C VAL B 18 -0.20 -4.01 4.26
N PHE B 19 -0.84 -3.90 3.11
CA PHE B 19 -0.14 -3.54 1.88
C PHE B 19 0.55 -2.18 2.03
N ALA B 20 -0.22 -1.18 2.42
CA ALA B 20 0.31 0.17 2.60
C ALA B 20 1.43 0.18 3.64
N CYS B 21 1.26 -0.62 4.69
CA CYS B 21 2.27 -0.70 5.75
C CYS B 21 3.62 -1.12 5.19
N LEU B 22 3.60 -2.13 4.32
CA LEU B 22 4.83 -2.64 3.71
C LEU B 22 5.47 -1.58 2.81
N PHE B 23 4.64 -0.86 2.06
CA PHE B 23 5.13 0.18 1.16
C PHE B 23 5.93 1.22 1.93
N LEU B 24 5.39 1.67 3.06
CA LEU B 24 6.05 2.67 3.88
C LEU B 24 7.28 2.08 4.57
N SER B 25 7.23 0.78 4.82
CA SER B 25 8.33 0.08 5.48
C SER B 25 9.51 -0.10 4.52
N THR B 26 9.20 -0.31 3.25
CA THR B 26 10.23 -0.51 2.23
C THR B 26 10.94 0.80 1.90
N LEU B 27 10.15 1.86 1.72
CA LEU B 27 10.71 3.17 1.42
C LEU B 27 11.57 3.69 2.55
N LEU B 28 11.02 3.68 3.77
CA LEU B 28 11.74 4.15 4.94
C LEU B 28 13.01 3.33 5.16
N LEU B 29 12.91 2.02 4.94
CA LEU B 29 14.05 1.13 5.10
C LEU B 29 15.18 1.50 4.14
N VAL B 30 14.85 1.60 2.86
CA VAL B 30 15.83 1.95 1.84
C VAL B 30 16.54 3.25 2.19
N LEU B 31 15.77 4.31 2.38
CA LEU B 31 16.34 5.61 2.73
C LEU B 31 17.27 5.51 3.93
N ASN B 32 16.89 4.67 4.89
CA ASN B 32 17.70 4.48 6.09
C ASN B 32 19.06 3.85 5.74
N LYS B 33 19.03 2.88 4.83
CA LYS B 33 20.26 2.20 4.41
C LYS B 33 21.09 3.10 3.49
N ALA B 34 20.41 3.97 2.74
CA ALA B 34 21.08 4.89 1.84
C ALA B 34 21.89 4.12 0.79
N GLY B 35 21.32 3.03 0.27
CA GLY B 35 22.00 2.24 -0.72
C GLY B 35 21.03 1.44 -1.59
N ARG B 36 21.32 0.16 -1.75
CA ARG B 36 20.47 -0.71 -2.56
C ARG B 36 19.55 -1.54 -1.68
N ARG B 37 18.40 -1.94 -2.22
CA ARG B 37 17.43 -2.74 -1.49
C ARG B 37 17.91 -4.18 -1.33
N ASN B 38 17.36 -4.88 -0.36
CA ASN B 38 17.72 -6.27 -0.11
C ASN B 38 16.66 -7.22 -0.64
N LYS B 39 17.10 -8.31 -1.25
CA LYS B 39 16.18 -9.31 -1.81
C LYS B 39 15.55 -10.14 -0.69
N MET A 1 -16.56 -11.56 0.90
CA MET A 1 -17.94 -11.42 0.46
C MET A 1 -18.53 -10.08 0.90
N LYS A 2 -19.00 -9.30 -0.07
CA LYS A 2 -19.58 -8.00 0.23
C LYS A 2 -21.04 -7.94 -0.22
N LYS A 3 -21.94 -7.68 0.73
CA LYS A 3 -23.36 -7.60 0.43
C LYS A 3 -23.80 -6.15 0.30
N ASP A 4 -23.09 -5.25 0.98
CA ASP A 4 -23.41 -3.83 0.93
C ASP A 4 -22.91 -3.20 -0.37
N GLU A 5 -23.78 -2.46 -1.04
CA GLU A 5 -23.43 -1.81 -2.30
C GLU A 5 -22.83 -0.43 -2.04
N THR A 6 -23.24 0.20 -0.95
CA THR A 6 -22.76 1.52 -0.59
C THR A 6 -22.08 1.51 0.78
N PRO A 7 -20.74 1.38 0.77
CA PRO A 7 -19.95 1.35 2.01
C PRO A 7 -19.92 2.70 2.71
N PHE A 8 -19.65 2.68 4.01
CA PHE A 8 -19.59 3.91 4.80
C PHE A 8 -18.17 4.49 4.80
N GLY A 9 -17.18 3.61 4.67
CA GLY A 9 -15.79 4.06 4.66
C GLY A 9 -15.26 4.25 3.26
N VAL A 10 -15.88 5.15 2.51
CA VAL A 10 -15.46 5.43 1.15
C VAL A 10 -14.06 6.05 1.11
N SER A 11 -13.89 7.15 1.82
CA SER A 11 -12.60 7.84 1.88
C SER A 11 -11.49 6.88 2.28
N VAL A 12 -11.84 5.89 3.10
CA VAL A 12 -10.87 4.90 3.55
C VAL A 12 -10.42 4.00 2.42
N ALA A 13 -11.38 3.40 1.73
CA ALA A 13 -11.08 2.51 0.61
C ALA A 13 -10.36 3.27 -0.51
N VAL A 14 -10.73 4.53 -0.70
CA VAL A 14 -10.13 5.35 -1.73
C VAL A 14 -8.65 5.61 -1.43
N GLY A 15 -8.38 6.20 -0.27
CA GLY A 15 -7.02 6.50 0.12
C GLY A 15 -6.15 5.25 0.17
N LEU A 16 -6.61 4.24 0.88
CA LEU A 16 -5.87 2.98 1.01
C LEU A 16 -5.47 2.45 -0.37
N ALA A 17 -6.45 2.31 -1.25
CA ALA A 17 -6.20 1.82 -2.60
C ALA A 17 -5.07 2.59 -3.27
N VAL A 18 -5.18 3.92 -3.25
CA VAL A 18 -4.17 4.77 -3.86
C VAL A 18 -2.78 4.40 -3.37
N PHE A 19 -2.64 4.27 -2.06
CA PHE A 19 -1.35 3.92 -1.46
C PHE A 19 -0.84 2.59 -2.00
N ALA A 20 -1.66 1.56 -1.91
CA ALA A 20 -1.30 0.24 -2.39
C ALA A 20 -0.97 0.27 -3.88
N CYS A 21 -1.72 1.06 -4.64
CA CYS A 21 -1.50 1.18 -6.07
C CYS A 21 -0.09 1.67 -6.37
N LEU A 22 0.37 2.64 -5.59
CA LEU A 22 1.72 3.20 -5.77
C LEU A 22 2.78 2.15 -5.45
N PHE A 23 2.56 1.41 -4.37
CA PHE A 23 3.51 0.38 -3.95
C PHE A 23 3.74 -0.63 -5.06
N LEU A 24 2.65 -1.09 -5.68
CA LEU A 24 2.74 -2.06 -6.76
C LEU A 24 3.31 -1.41 -8.02
N SER A 25 3.10 -0.11 -8.16
CA SER A 25 3.59 0.62 -9.32
C SER A 25 5.10 0.84 -9.24
N THR A 26 5.59 1.04 -8.02
CA THR A 26 7.01 1.26 -7.80
C THR A 26 7.80 -0.02 -7.97
N LEU A 27 7.31 -1.10 -7.38
CA LEU A 27 7.98 -2.40 -7.48
C LEU A 27 8.01 -2.89 -8.92
N LEU A 28 6.85 -2.88 -9.58
CA LEU A 28 6.75 -3.32 -10.95
C LEU A 28 7.65 -2.47 -11.87
N LEU A 29 7.65 -1.17 -11.63
CA LEU A 29 8.47 -0.25 -12.42
C LEU A 29 9.95 -0.59 -12.29
N VAL A 30 10.42 -0.76 -11.06
CA VAL A 30 11.81 -1.10 -10.81
C VAL A 30 12.20 -2.39 -11.52
N LEU A 31 11.46 -3.46 -11.22
CA LEU A 31 11.74 -4.76 -11.83
C LEU A 31 11.81 -4.65 -13.35
N ASN A 32 10.98 -3.78 -13.91
CA ASN A 32 10.96 -3.57 -15.36
C ASN A 32 12.23 -2.89 -15.84
N LYS A 33 12.73 -1.95 -15.04
CA LYS A 33 13.95 -1.22 -15.38
C LYS A 33 15.18 -2.10 -15.18
N ALA A 34 15.06 -3.07 -14.28
CA ALA A 34 16.16 -3.99 -14.00
C ALA A 34 17.35 -3.24 -13.40
N GLY A 35 17.08 -2.41 -12.39
CA GLY A 35 18.14 -1.65 -11.75
C GLY A 35 18.62 -0.51 -12.61
N ARG A 36 18.63 0.70 -12.03
CA ARG A 36 19.07 1.89 -12.74
C ARG A 36 20.58 2.09 -12.60
N ARG A 37 21.19 2.72 -13.60
CA ARG A 37 22.62 2.97 -13.59
C ARG A 37 22.91 4.46 -13.69
N ASN A 38 23.62 4.99 -12.71
CA ASN A 38 23.97 6.40 -12.69
C ASN A 38 25.48 6.60 -12.82
N LYS A 39 26.24 5.65 -12.28
CA LYS A 39 27.69 5.72 -12.34
C LYS A 39 28.24 4.73 -13.35
N MET B 1 -13.60 10.04 7.71
CA MET B 1 -14.46 10.01 8.89
C MET B 1 -15.30 8.74 8.92
N LYS B 2 -15.16 7.97 10.00
CA LYS B 2 -15.91 6.73 10.16
C LYS B 2 -16.82 6.78 11.38
N LYS B 3 -18.12 6.63 11.15
CA LYS B 3 -19.09 6.66 12.22
C LYS B 3 -19.50 5.25 12.64
N ASP B 4 -19.39 4.31 11.71
CA ASP B 4 -19.74 2.92 11.98
C ASP B 4 -18.63 2.22 12.76
N GLU B 5 -19.00 1.54 13.84
CA GLU B 5 -18.03 0.84 14.67
C GLU B 5 -17.82 -0.58 14.16
N THR B 6 -18.84 -1.14 13.52
CA THR B 6 -18.75 -2.49 13.00
C THR B 6 -18.98 -2.51 11.48
N PRO B 7 -17.90 -2.21 10.73
CA PRO B 7 -17.95 -2.18 9.26
C PRO B 7 -18.12 -3.57 8.66
N PHE B 8 -18.61 -3.61 7.43
CA PHE B 8 -18.82 -4.88 6.74
C PHE B 8 -17.57 -5.29 5.96
N GLY B 9 -16.81 -4.29 5.52
CA GLY B 9 -15.60 -4.56 4.76
C GLY B 9 -14.37 -4.60 5.64
N VAL B 10 -14.35 -5.52 6.60
CA VAL B 10 -13.23 -5.67 7.51
C VAL B 10 -11.99 -6.16 6.78
N SER B 11 -12.13 -7.29 6.08
CA SER B 11 -11.02 -7.88 5.34
C SER B 11 -10.40 -6.85 4.41
N VAL B 12 -11.21 -5.90 3.93
CA VAL B 12 -10.74 -4.86 3.03
C VAL B 12 -9.78 -3.91 3.74
N ALA B 13 -10.23 -3.36 4.87
CA ALA B 13 -9.42 -2.44 5.65
C ALA B 13 -8.16 -3.12 6.17
N VAL B 14 -8.30 -4.40 6.54
CA VAL B 14 -7.17 -5.16 7.05
C VAL B 14 -6.12 -5.39 5.98
N GLY B 15 -6.53 -6.01 4.87
CA GLY B 15 -5.62 -6.28 3.79
C GLY B 15 -4.96 -5.02 3.26
N LEU B 16 -5.78 -4.03 2.92
CA LEU B 16 -5.27 -2.77 2.40
C LEU B 16 -4.19 -2.19 3.30
N ALA B 17 -4.50 -2.07 4.59
CA ALA B 17 -3.56 -1.55 5.56
C ALA B 17 -2.22 -2.27 5.47
N VAL B 18 -2.26 -3.60 5.53
CA VAL B 18 -1.05 -4.42 5.46
C VAL B 18 -0.20 -4.02 4.26
N PHE B 19 -0.84 -3.91 3.09
CA PHE B 19 -0.14 -3.54 1.87
C PHE B 19 0.55 -2.19 2.02
N ALA B 20 -0.22 -1.19 2.42
CA ALA B 20 0.31 0.16 2.60
C ALA B 20 1.43 0.17 3.65
N CYS B 21 1.27 -0.63 4.69
CA CYS B 21 2.26 -0.71 5.76
C CYS B 21 3.61 -1.13 5.19
N LEU B 22 3.61 -2.13 4.32
CA LEU B 22 4.83 -2.63 3.72
C LEU B 22 5.47 -1.57 2.83
N PHE B 23 4.64 -0.86 2.06
CA PHE B 23 5.12 0.18 1.17
C PHE B 23 5.92 1.23 1.94
N LEU B 24 5.38 1.65 3.08
CA LEU B 24 6.05 2.65 3.91
C LEU B 24 7.27 2.08 4.59
N SER B 25 7.24 0.77 4.84
CA SER B 25 8.35 0.08 5.49
C SER B 25 9.52 -0.10 4.53
N THR B 26 9.20 -0.30 3.25
CA THR B 26 10.22 -0.49 2.23
C THR B 26 10.93 0.81 1.91
N LEU B 27 10.14 1.87 1.73
CA LEU B 27 10.70 3.19 1.42
C LEU B 27 11.56 3.70 2.56
N LEU B 28 11.01 3.68 3.77
CA LEU B 28 11.73 4.14 4.96
C LEU B 28 13.01 3.33 5.15
N LEU B 29 12.93 2.03 4.95
CA LEU B 29 14.08 1.14 5.10
C LEU B 29 15.20 1.52 4.14
N VAL B 30 14.83 1.70 2.87
CA VAL B 30 15.80 2.07 1.85
C VAL B 30 16.51 3.38 2.20
N LEU B 31 15.71 4.42 2.41
CA LEU B 31 16.26 5.73 2.76
C LEU B 31 17.22 5.63 3.94
N ASN B 32 16.90 4.73 4.87
CA ASN B 32 17.75 4.54 6.05
C ASN B 32 19.06 3.88 5.68
N LYS B 33 19.01 2.93 4.74
CA LYS B 33 20.20 2.23 4.29
C LYS B 33 21.06 3.12 3.39
N ALA B 34 20.42 4.10 2.75
CA ALA B 34 21.11 5.02 1.87
C ALA B 34 21.72 4.29 0.67
N GLY B 35 20.91 3.46 0.02
CA GLY B 35 21.38 2.72 -1.13
C GLY B 35 22.28 1.56 -0.74
N ARG B 36 21.96 0.37 -1.22
CA ARG B 36 22.75 -0.82 -0.92
C ARG B 36 23.88 -1.01 -1.94
N ARG B 37 24.96 -1.63 -1.49
CA ARG B 37 26.10 -1.87 -2.36
C ARG B 37 26.41 -3.36 -2.47
N ASN B 38 26.39 -3.88 -3.69
CA ASN B 38 26.67 -5.29 -3.93
C ASN B 38 27.96 -5.47 -4.73
N LYS B 39 28.24 -4.52 -5.60
CA LYS B 39 29.44 -4.57 -6.43
C LYS B 39 30.49 -3.56 -5.93
N MET A 1 -9.41 -16.70 1.02
CA MET A 1 -10.11 -17.78 0.33
C MET A 1 -11.61 -17.58 0.38
N LYS A 2 -12.06 -16.36 0.11
CA LYS A 2 -13.48 -16.04 0.13
C LYS A 2 -13.79 -14.90 -0.84
N LYS A 3 -14.59 -15.20 -1.87
CA LYS A 3 -14.97 -14.21 -2.86
C LYS A 3 -16.11 -13.34 -2.36
N ASP A 4 -15.86 -12.05 -2.18
CA ASP A 4 -16.87 -11.13 -1.70
C ASP A 4 -16.74 -9.77 -2.40
N GLU A 5 -17.68 -8.88 -2.11
CA GLU A 5 -17.68 -7.55 -2.72
C GLU A 5 -18.75 -6.66 -2.11
N THR A 6 -18.52 -6.21 -0.88
CA THR A 6 -19.47 -5.36 -0.19
C THR A 6 -18.88 -3.98 0.09
N PRO A 7 -19.67 -2.93 -0.20
CA PRO A 7 -19.24 -1.54 0.01
C PRO A 7 -19.14 -1.18 1.48
N PHE A 8 -18.00 -0.63 1.87
CA PHE A 8 -17.78 -0.24 3.26
C PHE A 8 -16.70 0.84 3.36
N GLY A 9 -17.12 2.07 3.60
CA GLY A 9 -16.19 3.18 3.71
C GLY A 9 -15.55 3.54 2.38
N VAL A 10 -15.96 4.66 1.81
CA VAL A 10 -15.42 5.12 0.53
C VAL A 10 -14.09 5.84 0.71
N SER A 11 -14.09 6.88 1.54
CA SER A 11 -12.89 7.66 1.79
C SER A 11 -11.74 6.75 2.19
N VAL A 12 -12.06 5.67 2.91
CA VAL A 12 -11.05 4.72 3.37
C VAL A 12 -10.54 3.87 2.20
N ALA A 13 -11.46 3.27 1.46
CA ALA A 13 -11.10 2.44 0.32
C ALA A 13 -10.33 3.24 -0.73
N VAL A 14 -10.71 4.50 -0.90
CA VAL A 14 -10.06 5.38 -1.86
C VAL A 14 -8.62 5.65 -1.47
N GLY A 15 -8.41 6.18 -0.27
CA GLY A 15 -7.07 6.48 0.20
C GLY A 15 -6.19 5.24 0.24
N LEU A 16 -6.66 4.20 0.92
CA LEU A 16 -5.91 2.97 1.04
C LEU A 16 -5.52 2.43 -0.33
N ALA A 17 -6.49 2.30 -1.22
CA ALA A 17 -6.25 1.81 -2.57
C ALA A 17 -5.12 2.59 -3.23
N VAL A 18 -5.24 3.91 -3.22
CA VAL A 18 -4.23 4.77 -3.84
C VAL A 18 -2.83 4.41 -3.34
N PHE A 19 -2.69 4.28 -2.02
CA PHE A 19 -1.40 3.95 -1.42
C PHE A 19 -0.88 2.62 -1.97
N ALA A 20 -1.71 1.59 -1.89
CA ALA A 20 -1.33 0.26 -2.38
C ALA A 20 -0.99 0.31 -3.86
N CYS A 21 -1.76 1.09 -4.62
CA CYS A 21 -1.54 1.22 -6.06
C CYS A 21 -0.13 1.70 -6.34
N LEU A 22 0.33 2.68 -5.57
CA LEU A 22 1.66 3.24 -5.75
C LEU A 22 2.73 2.20 -5.42
N PHE A 23 2.52 1.46 -4.34
CA PHE A 23 3.47 0.44 -3.92
C PHE A 23 3.72 -0.57 -5.04
N LEU A 24 2.65 -1.07 -5.63
CA LEU A 24 2.74 -2.04 -6.72
C LEU A 24 3.35 -1.39 -7.97
N SER A 25 3.10 -0.10 -8.13
CA SER A 25 3.62 0.63 -9.28
C SER A 25 5.13 0.85 -9.16
N THR A 26 5.58 1.12 -7.94
CA THR A 26 7.00 1.34 -7.69
C THR A 26 7.80 0.06 -7.88
N LEU A 27 7.33 -1.02 -7.30
CA LEU A 27 8.00 -2.31 -7.41
C LEU A 27 8.10 -2.75 -8.87
N LEU A 28 6.97 -2.71 -9.57
CA LEU A 28 6.93 -3.10 -10.97
C LEU A 28 7.90 -2.27 -11.80
N LEU A 29 7.98 -0.98 -11.51
CA LEU A 29 8.87 -0.07 -12.21
C LEU A 29 10.33 -0.48 -12.02
N VAL A 30 10.65 -0.93 -10.81
CA VAL A 30 12.01 -1.35 -10.48
C VAL A 30 12.39 -2.61 -11.27
N LEU A 31 11.58 -3.65 -11.15
CA LEU A 31 11.83 -4.91 -11.84
C LEU A 31 11.97 -4.67 -13.35
N ASN A 32 11.25 -3.69 -13.86
CA ASN A 32 11.31 -3.36 -15.28
C ASN A 32 12.59 -2.63 -15.62
N LYS A 33 12.91 -1.59 -14.85
CA LYS A 33 14.11 -0.80 -15.07
C LYS A 33 15.34 -1.70 -15.13
N ALA A 34 15.37 -2.73 -14.31
CA ALA A 34 16.48 -3.67 -14.28
C ALA A 34 16.11 -4.94 -13.52
N GLY A 35 15.87 -6.01 -14.27
CA GLY A 35 15.52 -7.28 -13.66
C GLY A 35 16.72 -8.18 -13.43
N ARG A 36 17.81 -7.58 -12.97
CA ARG A 36 19.04 -8.33 -12.72
C ARG A 36 19.20 -8.59 -11.22
N ARG A 37 19.62 -9.81 -10.88
CA ARG A 37 19.82 -10.18 -9.48
C ARG A 37 21.23 -10.73 -9.26
N ASN A 38 21.72 -10.63 -8.03
CA ASN A 38 23.04 -11.13 -7.69
C ASN A 38 22.96 -12.27 -6.69
N LYS A 39 23.24 -13.48 -7.17
CA LYS A 39 23.19 -14.67 -6.32
C LYS A 39 24.54 -14.88 -5.61
N MET B 1 -8.50 16.57 10.16
CA MET B 1 -9.02 17.46 11.18
C MET B 1 -10.43 17.05 11.58
N LYS B 2 -10.63 15.76 11.80
CA LYS B 2 -11.93 15.23 12.19
C LYS B 2 -11.79 13.96 13.02
N LYS B 3 -12.20 14.04 14.29
CA LYS B 3 -12.12 12.90 15.18
C LYS B 3 -13.30 11.95 14.98
N ASP B 4 -13.01 10.75 14.49
CA ASP B 4 -14.05 9.76 14.24
C ASP B 4 -13.53 8.35 14.54
N GLU B 5 -14.43 7.38 14.51
CA GLU B 5 -14.07 6.00 14.78
C GLU B 5 -15.25 5.06 14.54
N THR B 6 -15.59 4.86 13.28
CA THR B 6 -16.71 3.99 12.91
C THR B 6 -16.24 2.79 12.10
N PRO B 7 -16.72 1.60 12.47
CA PRO B 7 -16.35 0.35 11.79
C PRO B 7 -16.94 0.27 10.39
N PHE B 8 -16.09 -0.03 9.41
CA PHE B 8 -16.52 -0.15 8.03
C PHE B 8 -15.56 -1.02 7.22
N GLY B 9 -15.97 -2.26 6.96
CA GLY B 9 -15.13 -3.18 6.21
C GLY B 9 -13.89 -3.57 6.96
N VAL B 10 -13.88 -4.79 7.50
CA VAL B 10 -12.74 -5.29 8.25
C VAL B 10 -11.71 -5.93 7.33
N SER B 11 -12.12 -6.98 6.63
CA SER B 11 -11.23 -7.68 5.71
C SER B 11 -10.58 -6.71 4.73
N VAL B 12 -11.31 -5.66 4.39
CA VAL B 12 -10.81 -4.65 3.46
C VAL B 12 -9.74 -3.78 4.13
N ALA B 13 -10.10 -3.20 5.27
CA ALA B 13 -9.18 -2.34 6.01
C ALA B 13 -7.93 -3.10 6.42
N VAL B 14 -8.09 -4.38 6.76
CA VAL B 14 -6.97 -5.21 7.17
C VAL B 14 -6.00 -5.43 6.02
N GLY B 15 -6.51 -5.99 4.93
CA GLY B 15 -5.67 -6.25 3.77
C GLY B 15 -5.01 -4.99 3.23
N LEU B 16 -5.83 -3.98 2.96
CA LEU B 16 -5.33 -2.71 2.44
C LEU B 16 -4.24 -2.15 3.34
N ALA B 17 -4.54 -2.04 4.63
CA ALA B 17 -3.57 -1.52 5.60
C ALA B 17 -2.24 -2.25 5.50
N VAL B 18 -2.29 -3.58 5.56
CA VAL B 18 -1.08 -4.40 5.46
C VAL B 18 -0.25 -4.00 4.26
N PHE B 19 -0.89 -3.88 3.10
CA PHE B 19 -0.19 -3.51 1.87
C PHE B 19 0.50 -2.17 2.03
N ALA B 20 -0.26 -1.16 2.46
CA ALA B 20 0.29 0.18 2.65
C ALA B 20 1.42 0.17 3.68
N CYS B 21 1.25 -0.63 4.72
CA CYS B 21 2.26 -0.73 5.77
C CYS B 21 3.60 -1.16 5.20
N LEU B 22 3.58 -2.15 4.31
CA LEU B 22 4.80 -2.65 3.69
C LEU B 22 5.43 -1.59 2.79
N PHE B 23 4.60 -0.87 2.05
CA PHE B 23 5.07 0.17 1.16
C PHE B 23 5.90 1.21 1.93
N LEU B 24 5.36 1.69 3.03
CA LEU B 24 6.04 2.68 3.87
C LEU B 24 7.28 2.08 4.52
N SER B 25 7.22 0.78 4.80
CA SER B 25 8.34 0.08 5.42
C SER B 25 9.49 -0.09 4.45
N THR B 26 9.16 -0.37 3.19
CA THR B 26 10.17 -0.56 2.16
C THR B 26 10.90 0.74 1.85
N LEU B 27 10.13 1.80 1.63
CA LEU B 27 10.70 3.11 1.32
C LEU B 27 11.62 3.58 2.44
N LEU B 28 11.10 3.55 3.67
CA LEU B 28 11.87 3.97 4.83
C LEU B 28 13.14 3.13 4.97
N LEU B 29 13.01 1.83 4.75
CA LEU B 29 14.15 0.92 4.84
C LEU B 29 15.20 1.25 3.80
N VAL B 30 14.75 1.57 2.59
CA VAL B 30 15.66 1.91 1.50
C VAL B 30 16.34 3.25 1.74
N LEU B 31 15.54 4.29 1.95
CA LEU B 31 16.07 5.62 2.20
C LEU B 31 17.01 5.62 3.40
N ASN B 32 16.71 4.77 4.38
CA ASN B 32 17.52 4.67 5.58
C ASN B 32 18.80 3.87 5.32
N LYS B 33 18.63 2.65 4.80
CA LYS B 33 19.76 1.79 4.49
C LYS B 33 20.73 2.48 3.55
N ALA B 34 20.21 3.04 2.46
CA ALA B 34 21.04 3.75 1.50
C ALA B 34 20.19 4.40 0.42
N GLY B 35 20.08 5.73 0.48
CA GLY B 35 19.28 6.46 -0.49
C GLY B 35 20.11 6.96 -1.66
N ARG B 36 21.12 6.19 -2.04
CA ARG B 36 22.00 6.57 -3.13
C ARG B 36 21.77 5.66 -4.35
N ARG B 37 21.78 6.26 -5.53
CA ARG B 37 21.57 5.51 -6.76
C ARG B 37 22.72 5.74 -7.75
N ASN B 38 22.97 4.75 -8.59
CA ASN B 38 24.04 4.85 -9.59
C ASN B 38 23.48 4.79 -11.00
N LYS B 39 23.50 5.93 -11.68
CA LYS B 39 23.00 6.01 -13.05
C LYS B 39 24.09 5.64 -14.06
N MET A 1 -16.00 -14.40 -2.08
CA MET A 1 -14.56 -14.18 -2.07
C MET A 1 -14.05 -13.86 -3.48
N LYS A 2 -14.74 -14.38 -4.49
CA LYS A 2 -14.36 -14.16 -5.88
C LYS A 2 -15.29 -13.14 -6.53
N LYS A 3 -16.51 -13.05 -6.03
CA LYS A 3 -17.50 -12.12 -6.56
C LYS A 3 -18.24 -11.42 -5.43
N ASP A 4 -17.96 -10.13 -5.26
CA ASP A 4 -18.61 -9.34 -4.21
C ASP A 4 -18.76 -7.88 -4.65
N GLU A 5 -19.64 -7.15 -3.96
CA GLU A 5 -19.88 -5.75 -4.28
C GLU A 5 -20.68 -5.08 -3.18
N THR A 6 -20.00 -4.71 -2.09
CA THR A 6 -20.66 -4.06 -0.96
C THR A 6 -19.87 -2.83 -0.51
N PRO A 7 -20.58 -1.72 -0.30
CA PRO A 7 -19.97 -0.46 0.14
C PRO A 7 -19.47 -0.53 1.58
N PHE A 8 -18.23 -0.10 1.80
CA PHE A 8 -17.63 -0.12 3.12
C PHE A 8 -16.50 0.91 3.22
N GLY A 9 -16.78 2.02 3.89
CA GLY A 9 -15.79 3.06 4.04
C GLY A 9 -15.21 3.52 2.72
N VAL A 10 -15.89 4.47 2.08
CA VAL A 10 -15.43 4.99 0.79
C VAL A 10 -14.12 5.75 0.94
N SER A 11 -14.11 6.76 1.80
CA SER A 11 -12.92 7.57 2.04
C SER A 11 -11.72 6.68 2.34
N VAL A 12 -11.97 5.59 3.07
CA VAL A 12 -10.91 4.66 3.43
C VAL A 12 -10.45 3.85 2.23
N ALA A 13 -11.39 3.21 1.55
CA ALA A 13 -11.09 2.39 0.38
C ALA A 13 -10.35 3.22 -0.67
N VAL A 14 -10.74 4.48 -0.82
CA VAL A 14 -10.11 5.36 -1.79
C VAL A 14 -8.65 5.63 -1.43
N GLY A 15 -8.44 6.16 -0.21
CA GLY A 15 -7.09 6.45 0.23
C GLY A 15 -6.21 5.22 0.26
N LEU A 16 -6.68 4.18 0.94
CA LEU A 16 -5.92 2.93 1.05
C LEU A 16 -5.51 2.42 -0.33
N ALA A 17 -6.50 2.28 -1.22
CA ALA A 17 -6.24 1.81 -2.57
C ALA A 17 -5.12 2.60 -3.23
N VAL A 18 -5.25 3.92 -3.21
CA VAL A 18 -4.24 4.79 -3.80
C VAL A 18 -2.84 4.44 -3.31
N PHE A 19 -2.70 4.30 -2.00
CA PHE A 19 -1.42 3.96 -1.39
C PHE A 19 -0.88 2.65 -1.96
N ALA A 20 -1.70 1.61 -1.90
CA ALA A 20 -1.31 0.29 -2.40
C ALA A 20 -0.98 0.36 -3.89
N CYS A 21 -1.75 1.15 -4.63
CA CYS A 21 -1.53 1.29 -6.06
C CYS A 21 -0.12 1.79 -6.36
N LEU A 22 0.33 2.76 -5.56
CA LEU A 22 1.66 3.33 -5.73
C LEU A 22 2.74 2.31 -5.41
N PHE A 23 2.53 1.53 -4.34
CA PHE A 23 3.48 0.51 -3.93
C PHE A 23 3.74 -0.48 -5.07
N LEU A 24 2.67 -1.00 -5.65
CA LEU A 24 2.77 -1.95 -6.74
C LEU A 24 3.39 -1.30 -7.98
N SER A 25 3.12 -0.01 -8.15
CA SER A 25 3.63 0.73 -9.29
C SER A 25 5.15 0.91 -9.19
N THR A 26 5.62 1.20 -7.99
CA THR A 26 7.04 1.39 -7.75
C THR A 26 7.82 0.10 -7.94
N LEU A 27 7.39 -0.95 -7.24
CA LEU A 27 8.04 -2.25 -7.33
C LEU A 27 8.15 -2.70 -8.77
N LEU A 28 7.03 -2.61 -9.51
CA LEU A 28 7.00 -3.01 -10.91
C LEU A 28 8.00 -2.20 -11.73
N LEU A 29 8.00 -0.88 -11.52
CA LEU A 29 8.91 0.00 -12.24
C LEU A 29 10.36 -0.41 -12.01
N VAL A 30 10.65 -0.97 -10.83
CA VAL A 30 12.00 -1.41 -10.50
C VAL A 30 12.33 -2.72 -11.19
N LEU A 31 11.47 -3.71 -11.01
CA LEU A 31 11.67 -5.03 -11.62
C LEU A 31 11.63 -4.93 -13.15
N ASN A 32 11.10 -3.82 -13.65
CA ASN A 32 10.99 -3.61 -15.08
C ASN A 32 12.27 -2.99 -15.63
N LYS A 33 12.78 -1.97 -14.95
CA LYS A 33 14.00 -1.29 -15.37
C LYS A 33 15.23 -1.98 -14.80
N ALA A 34 15.01 -3.05 -14.04
CA ALA A 34 16.09 -3.81 -13.44
C ALA A 34 17.11 -4.24 -14.49
N GLY A 35 16.63 -4.46 -15.71
CA GLY A 35 17.50 -4.88 -16.79
C GLY A 35 18.19 -3.71 -17.47
N ARG A 36 18.89 -2.90 -16.68
CA ARG A 36 19.59 -1.74 -17.21
C ARG A 36 20.95 -2.14 -17.78
N ARG A 37 21.36 -1.49 -18.86
CA ARG A 37 22.64 -1.78 -19.50
C ARG A 37 23.49 -0.52 -19.60
N ASN A 38 24.75 -0.63 -19.20
CA ASN A 38 25.68 0.50 -19.25
C ASN A 38 26.81 0.24 -20.24
N LYS A 39 26.97 1.17 -21.19
CA LYS A 39 28.01 1.05 -22.20
C LYS A 39 29.29 1.74 -21.75
N MET B 1 -12.39 12.66 13.13
CA MET B 1 -11.04 12.48 12.62
C MET B 1 -10.07 12.17 13.76
N LYS B 2 -10.38 12.68 14.95
CA LYS B 2 -9.54 12.45 16.11
C LYS B 2 -10.15 11.39 17.03
N LYS B 3 -11.47 11.29 16.99
CA LYS B 3 -12.19 10.32 17.82
C LYS B 3 -13.30 9.63 17.02
N ASP B 4 -13.05 8.38 16.64
CA ASP B 4 -14.04 7.62 15.87
C ASP B 4 -13.91 6.13 16.17
N GLU B 5 -14.98 5.38 15.88
CA GLU B 5 -14.98 3.95 16.12
C GLU B 5 -16.18 3.29 15.45
N THR B 6 -16.10 3.11 14.14
CA THR B 6 -17.19 2.50 13.36
C THR B 6 -16.65 1.45 12.41
N PRO B 7 -17.31 0.28 12.39
CA PRO B 7 -16.92 -0.83 11.52
C PRO B 7 -17.19 -0.54 10.04
N PHE B 8 -16.19 -0.77 9.20
CA PHE B 8 -16.33 -0.54 7.77
C PHE B 8 -15.34 -1.39 6.98
N GLY B 9 -15.84 -2.46 6.38
CA GLY B 9 -14.98 -3.34 5.60
C GLY B 9 -13.76 -3.79 6.37
N VAL B 10 -13.91 -4.85 7.17
CA VAL B 10 -12.82 -5.38 7.96
C VAL B 10 -11.76 -6.04 7.08
N SER B 11 -12.17 -7.07 6.34
CA SER B 11 -11.25 -7.78 5.46
C SER B 11 -10.52 -6.82 4.54
N VAL B 12 -11.22 -5.76 4.13
CA VAL B 12 -10.64 -4.76 3.24
C VAL B 12 -9.63 -3.89 3.99
N ALA B 13 -10.06 -3.29 5.08
CA ALA B 13 -9.20 -2.44 5.89
C ALA B 13 -7.94 -3.18 6.31
N VAL B 14 -8.10 -4.46 6.65
CA VAL B 14 -6.98 -5.29 7.08
C VAL B 14 -5.98 -5.50 5.94
N GLY B 15 -6.47 -6.05 4.83
CA GLY B 15 -5.61 -6.29 3.69
C GLY B 15 -4.97 -5.03 3.16
N LEU B 16 -5.79 -4.02 2.90
CA LEU B 16 -5.29 -2.74 2.39
C LEU B 16 -4.21 -2.17 3.30
N ALA B 17 -4.52 -2.07 4.59
CA ALA B 17 -3.56 -1.56 5.56
C ALA B 17 -2.22 -2.28 5.45
N VAL B 18 -2.26 -3.60 5.50
CA VAL B 18 -1.05 -4.41 5.41
C VAL B 18 -0.21 -4.00 4.21
N PHE B 19 -0.85 -3.89 3.06
CA PHE B 19 -0.16 -3.51 1.82
C PHE B 19 0.53 -2.16 1.99
N ALA B 20 -0.23 -1.16 2.43
CA ALA B 20 0.31 0.18 2.63
C ALA B 20 1.43 0.18 3.65
N CYS B 21 1.27 -0.63 4.70
CA CYS B 21 2.28 -0.74 5.75
C CYS B 21 3.63 -1.15 5.18
N LEU B 22 3.60 -2.12 4.27
CA LEU B 22 4.82 -2.62 3.65
C LEU B 22 5.45 -1.54 2.76
N PHE B 23 4.62 -0.82 2.03
CA PHE B 23 5.09 0.23 1.14
C PHE B 23 5.92 1.26 1.92
N LEU B 24 5.35 1.74 3.01
CA LEU B 24 6.03 2.73 3.85
C LEU B 24 7.32 2.16 4.44
N SER B 25 7.27 0.88 4.80
CA SER B 25 8.42 0.22 5.39
C SER B 25 9.57 0.11 4.37
N THR B 26 9.21 -0.19 3.13
CA THR B 26 10.20 -0.32 2.06
C THR B 26 10.88 1.01 1.78
N LEU B 27 10.09 2.03 1.50
CA LEU B 27 10.61 3.36 1.22
C LEU B 27 11.58 3.82 2.31
N LEU B 28 11.12 3.73 3.56
CA LEU B 28 11.95 4.12 4.70
C LEU B 28 13.19 3.25 4.80
N LEU B 29 13.00 1.94 4.67
CA LEU B 29 14.11 1.00 4.76
C LEU B 29 15.19 1.34 3.73
N VAL B 30 14.77 1.93 2.62
CA VAL B 30 15.70 2.31 1.57
C VAL B 30 16.41 3.62 1.90
N LEU B 31 15.64 4.62 2.30
CA LEU B 31 16.20 5.93 2.65
C LEU B 31 17.06 5.82 3.90
N ASN B 32 16.94 4.70 4.61
CA ASN B 32 17.71 4.48 5.82
C ASN B 32 18.91 3.57 5.56
N LYS B 33 18.66 2.47 4.85
CA LYS B 33 19.72 1.52 4.54
C LYS B 33 20.40 1.89 3.22
N ALA B 34 20.06 3.06 2.69
CA ALA B 34 20.63 3.52 1.43
C ALA B 34 22.16 3.44 1.47
N GLY B 35 22.73 3.66 2.64
CA GLY B 35 24.18 3.60 2.79
C GLY B 35 24.67 2.20 3.08
N ARG B 36 24.22 1.23 2.29
CA ARG B 36 24.62 -0.16 2.46
C ARG B 36 25.87 -0.47 1.64
N ARG B 37 26.69 -1.37 2.15
CA ARG B 37 27.92 -1.76 1.47
C ARG B 37 27.94 -3.26 1.17
N ASN B 38 28.32 -3.61 -0.05
CA ASN B 38 28.38 -5.02 -0.45
C ASN B 38 29.82 -5.46 -0.65
N LYS B 39 30.20 -6.55 0.02
CA LYS B 39 31.55 -7.08 -0.09
C LYS B 39 31.63 -8.13 -1.20
N MET A 1 -16.31 -18.83 0.93
CA MET A 1 -17.55 -19.58 1.12
C MET A 1 -18.76 -18.67 1.01
N LYS A 2 -18.66 -17.47 1.58
CA LYS A 2 -19.75 -16.50 1.54
C LYS A 2 -19.36 -15.29 0.70
N LYS A 3 -20.27 -14.85 -0.16
CA LYS A 3 -20.03 -13.70 -1.02
C LYS A 3 -20.50 -12.41 -0.34
N ASP A 4 -19.76 -11.33 -0.54
CA ASP A 4 -20.10 -10.04 0.05
C ASP A 4 -19.52 -8.90 -0.77
N GLU A 5 -20.26 -7.80 -0.87
CA GLU A 5 -19.82 -6.64 -1.62
C GLU A 5 -20.74 -5.45 -1.39
N THR A 6 -20.50 -4.73 -0.30
CA THR A 6 -21.31 -3.56 0.05
C THR A 6 -20.44 -2.35 0.35
N PRO A 7 -21.04 -1.16 0.27
CA PRO A 7 -20.33 0.09 0.54
C PRO A 7 -19.99 0.27 2.01
N PHE A 8 -18.72 0.53 2.30
CA PHE A 8 -18.27 0.71 3.67
C PHE A 8 -17.01 1.58 3.72
N GLY A 9 -17.18 2.84 4.10
CA GLY A 9 -16.06 3.76 4.18
C GLY A 9 -15.45 4.04 2.82
N VAL A 10 -15.86 5.15 2.21
CA VAL A 10 -15.34 5.53 0.90
C VAL A 10 -13.95 6.13 1.01
N SER A 11 -13.83 7.19 1.82
CA SER A 11 -12.56 7.87 2.01
C SER A 11 -11.47 6.87 2.40
N VAL A 12 -11.87 5.82 3.11
CA VAL A 12 -10.92 4.79 3.55
C VAL A 12 -10.45 3.94 2.36
N ALA A 13 -11.39 3.38 1.62
CA ALA A 13 -11.07 2.56 0.46
C ALA A 13 -10.32 3.37 -0.59
N VAL A 14 -10.68 4.64 -0.74
CA VAL A 14 -10.04 5.51 -1.71
C VAL A 14 -8.58 5.75 -1.35
N GLY A 15 -8.34 6.26 -0.14
CA GLY A 15 -6.99 6.52 0.29
C GLY A 15 -6.12 5.26 0.31
N LEU A 16 -6.60 4.24 1.00
CA LEU A 16 -5.87 2.97 1.08
C LEU A 16 -5.49 2.47 -0.30
N ALA A 17 -6.47 2.38 -1.19
CA ALA A 17 -6.23 1.91 -2.54
C ALA A 17 -5.10 2.68 -3.21
N VAL A 18 -5.19 4.01 -3.16
CA VAL A 18 -4.17 4.88 -3.75
C VAL A 18 -2.78 4.48 -3.27
N PHE A 19 -2.63 4.31 -1.96
CA PHE A 19 -1.35 3.94 -1.37
C PHE A 19 -0.85 2.62 -1.95
N ALA A 20 -1.69 1.59 -1.87
CA ALA A 20 -1.35 0.28 -2.39
C ALA A 20 -1.02 0.33 -3.88
N CYS A 21 -1.76 1.16 -4.61
CA CYS A 21 -1.55 1.31 -6.04
C CYS A 21 -0.12 1.78 -6.34
N LEU A 22 0.34 2.73 -5.55
CA LEU A 22 1.69 3.28 -5.72
C LEU A 22 2.74 2.22 -5.42
N PHE A 23 2.52 1.45 -4.36
CA PHE A 23 3.45 0.40 -3.96
C PHE A 23 3.68 -0.59 -5.10
N LEU A 24 2.59 -1.05 -5.70
CA LEU A 24 2.66 -2.01 -6.81
C LEU A 24 3.26 -1.35 -8.05
N SER A 25 3.05 -0.05 -8.18
CA SER A 25 3.56 0.71 -9.32
C SER A 25 5.08 0.88 -9.21
N THR A 26 5.56 1.11 -8.00
CA THR A 26 6.98 1.31 -7.77
C THR A 26 7.75 0.00 -7.99
N LEU A 27 7.27 -1.07 -7.38
CA LEU A 27 7.91 -2.38 -7.52
C LEU A 27 7.97 -2.81 -8.98
N LEU A 28 6.82 -2.76 -9.66
CA LEU A 28 6.75 -3.13 -11.06
C LEU A 28 7.78 -2.37 -11.90
N LEU A 29 7.80 -1.05 -11.73
CA LEU A 29 8.73 -0.20 -12.46
C LEU A 29 10.18 -0.62 -12.19
N VAL A 30 10.48 -0.86 -10.92
CA VAL A 30 11.83 -1.27 -10.53
C VAL A 30 12.23 -2.58 -11.20
N LEU A 31 11.37 -3.58 -11.07
CA LEU A 31 11.62 -4.90 -11.67
C LEU A 31 11.88 -4.76 -13.16
N ASN A 32 11.18 -3.84 -13.80
CA ASN A 32 11.34 -3.62 -15.23
C ASN A 32 12.64 -2.87 -15.53
N LYS A 33 12.99 -1.93 -14.66
CA LYS A 33 14.20 -1.14 -14.82
C LYS A 33 15.44 -1.97 -14.45
N ALA A 34 15.21 -3.10 -13.79
CA ALA A 34 16.31 -3.97 -13.38
C ALA A 34 16.86 -4.74 -14.57
N GLY A 35 17.46 -4.00 -15.51
CA GLY A 35 18.04 -4.62 -16.68
C GLY A 35 19.38 -4.03 -17.07
N ARG A 36 19.36 -2.81 -17.59
CA ARG A 36 20.57 -2.12 -17.99
C ARG A 36 21.00 -1.09 -16.95
N ARG A 37 22.28 -1.07 -16.62
CA ARG A 37 22.81 -0.13 -15.64
C ARG A 37 22.70 1.30 -16.14
N ASN A 38 22.27 2.21 -15.27
CA ASN A 38 22.12 3.61 -15.63
C ASN A 38 23.41 4.38 -15.36
N LYS A 39 23.96 4.99 -16.41
CA LYS A 39 25.20 5.76 -16.28
C LYS A 39 24.94 7.12 -15.61
N MET B 1 -7.04 17.45 11.40
CA MET B 1 -8.03 18.51 11.56
C MET B 1 -9.39 17.92 11.93
N LYS B 2 -9.75 16.82 11.28
CA LYS B 2 -11.02 16.15 11.53
C LYS B 2 -10.80 14.78 12.16
N LYS B 3 -11.55 14.49 13.21
CA LYS B 3 -11.45 13.21 13.90
C LYS B 3 -12.44 12.20 13.31
N ASP B 4 -11.98 10.95 13.18
CA ASP B 4 -12.82 9.89 12.63
C ASP B 4 -12.32 8.52 13.09
N GLU B 5 -13.26 7.64 13.40
CA GLU B 5 -12.92 6.29 13.85
C GLU B 5 -14.17 5.41 13.95
N THR B 6 -14.59 4.87 12.82
CA THR B 6 -15.77 4.02 12.77
C THR B 6 -15.53 2.76 11.94
N PRO B 7 -16.34 1.73 12.17
CA PRO B 7 -16.23 0.46 11.44
C PRO B 7 -16.62 0.59 9.97
N PHE B 8 -15.70 0.24 9.08
CA PHE B 8 -15.97 0.31 7.65
C PHE B 8 -15.08 -0.67 6.88
N GLY B 9 -15.65 -1.79 6.47
CA GLY B 9 -14.91 -2.78 5.73
C GLY B 9 -13.76 -3.35 6.53
N VAL B 10 -13.98 -4.49 7.17
CA VAL B 10 -12.95 -5.13 7.98
C VAL B 10 -11.92 -5.84 7.10
N SER B 11 -12.36 -6.85 6.37
CA SER B 11 -11.48 -7.60 5.48
C SER B 11 -10.72 -6.67 4.54
N VAL B 12 -11.40 -5.59 4.14
CA VAL B 12 -10.79 -4.62 3.23
C VAL B 12 -9.73 -3.78 3.95
N ALA B 13 -10.11 -3.20 5.08
CA ALA B 13 -9.19 -2.38 5.86
C ALA B 13 -7.96 -3.17 6.28
N VAL B 14 -8.17 -4.44 6.61
CA VAL B 14 -7.08 -5.32 7.03
C VAL B 14 -6.09 -5.53 5.89
N GLY B 15 -6.59 -6.04 4.77
CA GLY B 15 -5.73 -6.30 3.62
C GLY B 15 -5.05 -5.04 3.11
N LEU B 16 -5.86 -4.01 2.83
CA LEU B 16 -5.32 -2.75 2.33
C LEU B 16 -4.23 -2.22 3.26
N ALA B 17 -4.54 -2.13 4.54
CA ALA B 17 -3.59 -1.65 5.53
C ALA B 17 -2.25 -2.39 5.42
N VAL B 18 -2.32 -3.71 5.46
CA VAL B 18 -1.12 -4.54 5.36
C VAL B 18 -0.27 -4.14 4.16
N PHE B 19 -0.92 -4.00 3.00
CA PHE B 19 -0.21 -3.61 1.78
C PHE B 19 0.49 -2.27 1.95
N ALA B 20 -0.27 -1.25 2.38
CA ALA B 20 0.28 0.08 2.58
C ALA B 20 1.41 0.05 3.61
N CYS B 21 1.24 -0.76 4.65
CA CYS B 21 2.23 -0.88 5.70
C CYS B 21 3.59 -1.31 5.13
N LEU B 22 3.56 -2.30 4.24
CA LEU B 22 4.77 -2.81 3.62
C LEU B 22 5.42 -1.74 2.75
N PHE B 23 4.60 -1.01 2.01
CA PHE B 23 5.09 0.04 1.13
C PHE B 23 5.91 1.06 1.92
N LEU B 24 5.37 1.51 3.05
CA LEU B 24 6.05 2.49 3.89
C LEU B 24 7.29 1.87 4.55
N SER B 25 7.24 0.57 4.78
CA SER B 25 8.35 -0.14 5.40
C SER B 25 9.52 -0.28 4.44
N THR B 26 9.20 -0.53 3.16
CA THR B 26 10.22 -0.69 2.14
C THR B 26 10.93 0.63 1.85
N LEU B 27 10.14 1.68 1.65
CA LEU B 27 10.69 3.01 1.37
C LEU B 27 11.58 3.48 2.51
N LEU B 28 11.04 3.43 3.73
CA LEU B 28 11.79 3.86 4.92
C LEU B 28 13.13 3.13 5.00
N LEU B 29 13.09 1.82 4.83
CA LEU B 29 14.30 0.99 4.89
C LEU B 29 15.32 1.46 3.87
N VAL B 30 14.86 1.68 2.63
CA VAL B 30 15.73 2.13 1.56
C VAL B 30 16.34 3.49 1.89
N LEU B 31 15.50 4.46 2.21
CA LEU B 31 15.96 5.80 2.54
C LEU B 31 16.92 5.76 3.74
N ASN B 32 16.76 4.76 4.60
CA ASN B 32 17.61 4.61 5.77
C ASN B 32 18.99 4.13 5.38
N LYS B 33 19.04 3.23 4.41
CA LYS B 33 20.31 2.68 3.93
C LYS B 33 21.02 3.67 3.02
N ALA B 34 20.27 4.30 2.12
CA ALA B 34 20.83 5.27 1.19
C ALA B 34 22.19 4.80 0.67
N GLY B 35 22.23 3.57 0.16
CA GLY B 35 23.47 3.04 -0.36
C GLY B 35 23.25 2.15 -1.57
N ARG B 36 22.79 0.93 -1.32
CA ARG B 36 22.54 -0.03 -2.41
C ARG B 36 21.05 -0.15 -2.68
N ARG B 37 20.69 -0.16 -3.96
CA ARG B 37 19.30 -0.27 -4.36
C ARG B 37 18.72 -1.63 -3.95
N ASN B 38 17.47 -1.62 -3.50
CA ASN B 38 16.81 -2.85 -3.07
C ASN B 38 16.14 -3.53 -4.25
N LYS B 39 16.53 -4.77 -4.51
CA LYS B 39 15.96 -5.54 -5.61
C LYS B 39 14.58 -6.08 -5.24
N MET A 1 -16.59 -12.67 5.13
CA MET A 1 -15.15 -12.48 4.98
C MET A 1 -14.79 -12.25 3.51
N LYS A 2 -14.06 -11.16 3.27
CA LYS A 2 -13.65 -10.82 1.90
C LYS A 2 -14.84 -10.78 0.96
N LYS A 3 -15.90 -10.11 1.39
CA LYS A 3 -17.12 -9.99 0.59
C LYS A 3 -17.66 -8.57 0.62
N ASP A 4 -18.16 -8.09 -0.51
CA ASP A 4 -18.71 -6.75 -0.61
C ASP A 4 -19.93 -6.72 -1.53
N GLU A 5 -21.07 -6.35 -1.00
CA GLU A 5 -22.31 -6.29 -1.78
C GLU A 5 -22.83 -4.85 -1.85
N THR A 6 -22.49 -4.05 -0.85
CA THR A 6 -22.92 -2.66 -0.80
C THR A 6 -21.77 -1.74 -0.44
N PRO A 7 -21.93 -0.45 -0.76
CA PRO A 7 -20.90 0.57 -0.47
C PRO A 7 -20.77 0.86 1.02
N PHE A 8 -19.54 0.94 1.50
CA PHE A 8 -19.29 1.21 2.91
C PHE A 8 -17.93 1.89 3.09
N GLY A 9 -17.95 3.20 3.31
CA GLY A 9 -16.71 3.94 3.50
C GLY A 9 -15.97 4.18 2.20
N VAL A 10 -16.24 5.32 1.57
CA VAL A 10 -15.59 5.67 0.31
C VAL A 10 -14.21 6.26 0.55
N SER A 11 -14.15 7.33 1.34
CA SER A 11 -12.88 7.99 1.63
C SER A 11 -11.86 6.98 2.14
N VAL A 12 -12.33 5.95 2.81
CA VAL A 12 -11.45 4.91 3.35
C VAL A 12 -10.86 4.05 2.23
N ALA A 13 -11.73 3.53 1.37
CA ALA A 13 -11.29 2.71 0.26
C ALA A 13 -10.43 3.50 -0.72
N VAL A 14 -10.73 4.79 -0.85
CA VAL A 14 -9.99 5.66 -1.75
C VAL A 14 -8.53 5.80 -1.29
N GLY A 15 -8.34 6.26 -0.07
CA GLY A 15 -7.00 6.43 0.47
C GLY A 15 -6.21 5.14 0.47
N LEU A 16 -6.76 4.11 1.09
CA LEU A 16 -6.10 2.81 1.16
C LEU A 16 -5.69 2.33 -0.23
N ALA A 17 -6.63 2.39 -1.17
CA ALA A 17 -6.36 1.96 -2.53
C ALA A 17 -5.16 2.71 -3.12
N VAL A 18 -5.20 4.03 -3.02
CA VAL A 18 -4.13 4.87 -3.55
C VAL A 18 -2.77 4.39 -3.04
N PHE A 19 -2.68 4.16 -1.73
CA PHE A 19 -1.44 3.69 -1.12
C PHE A 19 -0.95 2.40 -1.78
N ALA A 20 -1.85 1.44 -1.88
CA ALA A 20 -1.52 0.14 -2.49
C ALA A 20 -1.15 0.31 -3.96
N CYS A 21 -1.88 1.17 -4.66
CA CYS A 21 -1.63 1.42 -6.07
C CYS A 21 -0.19 1.89 -6.29
N LEU A 22 0.29 2.73 -5.39
CA LEU A 22 1.65 3.25 -5.47
C LEU A 22 2.69 2.14 -5.23
N PHE A 23 2.46 1.35 -4.20
CA PHE A 23 3.36 0.25 -3.86
C PHE A 23 3.49 -0.72 -5.04
N LEU A 24 2.38 -1.02 -5.68
CA LEU A 24 2.37 -1.93 -6.82
C LEU A 24 3.04 -1.30 -8.03
N SER A 25 2.92 0.02 -8.13
CA SER A 25 3.51 0.74 -9.25
C SER A 25 5.02 0.85 -9.10
N THR A 26 5.48 0.95 -7.85
CA THR A 26 6.90 1.04 -7.56
C THR A 26 7.62 -0.27 -7.83
N LEU A 27 7.03 -1.37 -7.36
CA LEU A 27 7.61 -2.69 -7.54
C LEU A 27 7.67 -3.05 -9.03
N LEU A 28 6.54 -2.90 -9.71
CA LEU A 28 6.45 -3.21 -11.13
C LEU A 28 7.46 -2.38 -11.92
N LEU A 29 7.61 -1.12 -11.56
CA LEU A 29 8.53 -0.22 -12.23
C LEU A 29 9.97 -0.70 -12.04
N VAL A 30 10.36 -0.92 -10.79
CA VAL A 30 11.70 -1.38 -10.47
C VAL A 30 12.05 -2.65 -11.24
N LEU A 31 11.23 -3.68 -11.04
CA LEU A 31 11.45 -4.96 -11.71
C LEU A 31 11.60 -4.77 -13.22
N ASN A 32 10.83 -3.84 -13.77
CA ASN A 32 10.88 -3.56 -15.20
C ASN A 32 12.18 -2.84 -15.56
N LYS A 33 12.61 -1.93 -14.70
CA LYS A 33 13.83 -1.17 -14.94
C LYS A 33 15.05 -2.06 -14.81
N ALA A 34 14.97 -3.06 -13.94
CA ALA A 34 16.07 -3.99 -13.72
C ALA A 34 15.57 -5.30 -13.10
N GLY A 35 15.35 -6.30 -13.95
CA GLY A 35 14.88 -7.59 -13.47
C GLY A 35 14.44 -8.50 -14.60
N ARG A 36 15.35 -9.37 -15.04
CA ARG A 36 15.07 -10.31 -16.11
C ARG A 36 14.30 -11.52 -15.58
N ARG A 37 13.17 -11.82 -16.21
CA ARG A 37 12.35 -12.96 -15.81
C ARG A 37 12.22 -13.97 -16.95
N ASN A 38 12.64 -15.20 -16.68
CA ASN A 38 12.58 -16.26 -17.68
C ASN A 38 11.16 -16.78 -17.84
N LYS A 39 10.95 -17.65 -18.82
CA LYS A 39 9.64 -18.23 -19.07
C LYS A 39 9.66 -19.74 -18.89
N MET B 1 -15.65 13.71 7.63
CA MET B 1 -14.26 13.62 7.19
C MET B 1 -13.37 13.09 8.30
N LYS B 2 -12.60 12.05 7.99
CA LYS B 2 -11.70 11.45 8.96
C LYS B 2 -12.44 11.08 10.24
N LYS B 3 -13.58 10.43 10.09
CA LYS B 3 -14.38 10.02 11.24
C LYS B 3 -14.90 8.60 11.06
N ASP B 4 -14.93 7.84 12.15
CA ASP B 4 -15.42 6.47 12.11
C ASP B 4 -16.19 6.13 13.38
N GLU B 5 -17.46 5.76 13.22
CA GLU B 5 -18.30 5.42 14.35
C GLU B 5 -18.74 3.96 14.27
N THR B 6 -18.79 3.42 13.06
CA THR B 6 -19.19 2.04 12.85
C THR B 6 -18.25 1.32 11.89
N PRO B 7 -18.25 -0.02 11.94
CA PRO B 7 -17.40 -0.83 11.08
C PRO B 7 -17.83 -0.79 9.62
N PHE B 8 -16.85 -0.67 8.72
CA PHE B 8 -17.14 -0.62 7.29
C PHE B 8 -15.97 -1.20 6.49
N GLY B 9 -16.14 -2.43 6.03
CA GLY B 9 -15.08 -3.07 5.25
C GLY B 9 -13.89 -3.48 6.10
N VAL B 10 -13.92 -4.70 6.61
CA VAL B 10 -12.84 -5.21 7.45
C VAL B 10 -11.73 -5.80 6.60
N SER B 11 -12.04 -6.89 5.89
CA SER B 11 -11.06 -7.57 5.05
C SER B 11 -10.41 -6.57 4.09
N VAL B 12 -11.15 -5.54 3.71
CA VAL B 12 -10.63 -4.52 2.81
C VAL B 12 -9.59 -3.65 3.49
N ALA B 13 -9.95 -3.09 4.65
CA ALA B 13 -9.04 -2.24 5.41
C ALA B 13 -7.85 -3.03 5.91
N VAL B 14 -8.07 -4.29 6.26
CA VAL B 14 -7.00 -5.15 6.76
C VAL B 14 -5.96 -5.41 5.67
N GLY B 15 -6.41 -5.97 4.55
CA GLY B 15 -5.51 -6.26 3.45
C GLY B 15 -4.77 -5.03 2.97
N LEU B 16 -5.50 -3.99 2.61
CA LEU B 16 -4.91 -2.74 2.13
C LEU B 16 -3.90 -2.21 3.12
N ALA B 17 -4.27 -2.19 4.40
CA ALA B 17 -3.37 -1.71 5.45
C ALA B 17 -2.03 -2.43 5.41
N VAL B 18 -2.08 -3.76 5.49
CA VAL B 18 -0.87 -4.57 5.47
C VAL B 18 0.02 -4.19 4.28
N PHE B 19 -0.57 -4.19 3.09
CA PHE B 19 0.17 -3.85 1.88
C PHE B 19 0.82 -2.48 2.00
N ALA B 20 0.01 -1.47 2.32
CA ALA B 20 0.51 -0.11 2.46
C ALA B 20 1.61 -0.04 3.50
N CYS B 21 1.44 -0.78 4.59
CA CYS B 21 2.43 -0.80 5.67
C CYS B 21 3.79 -1.23 5.14
N LEU B 22 3.81 -2.27 4.30
CA LEU B 22 5.05 -2.78 3.72
C LEU B 22 5.70 -1.73 2.82
N PHE B 23 4.87 -1.03 2.06
CA PHE B 23 5.36 -0.01 1.14
C PHE B 23 6.13 1.07 1.89
N LEU B 24 5.57 1.51 3.01
CA LEU B 24 6.19 2.54 3.84
C LEU B 24 7.43 2.00 4.55
N SER B 25 7.42 0.69 4.80
CA SER B 25 8.54 0.05 5.49
C SER B 25 9.71 -0.15 4.53
N THR B 26 9.41 -0.41 3.27
CA THR B 26 10.44 -0.62 2.25
C THR B 26 11.14 0.70 1.91
N LEU B 27 10.35 1.74 1.67
CA LEU B 27 10.89 3.05 1.33
C LEU B 27 11.70 3.62 2.49
N LEU B 28 11.10 3.61 3.68
CA LEU B 28 11.77 4.13 4.87
C LEU B 28 13.08 3.40 5.13
N LEU B 29 13.07 2.08 4.92
CA LEU B 29 14.25 1.26 5.13
C LEU B 29 15.35 1.64 4.15
N VAL B 30 15.02 1.68 2.87
CA VAL B 30 15.97 2.03 1.83
C VAL B 30 16.61 3.39 2.10
N LEU B 31 15.77 4.41 2.21
CA LEU B 31 16.24 5.77 2.48
C LEU B 31 17.14 5.80 3.72
N ASN B 32 16.81 4.97 4.69
CA ASN B 32 17.58 4.90 5.94
C ASN B 32 18.95 4.26 5.68
N LYS B 33 18.96 3.22 4.84
CA LYS B 33 20.20 2.52 4.52
C LYS B 33 21.12 3.40 3.68
N ALA B 34 20.52 4.22 2.81
CA ALA B 34 21.29 5.11 1.96
C ALA B 34 20.42 6.23 1.41
N GLY B 35 20.43 7.38 2.10
CA GLY B 35 19.63 8.50 1.67
C GLY B 35 19.53 9.59 2.73
N ARG B 36 20.40 10.59 2.62
CA ARG B 36 20.41 11.69 3.58
C ARG B 36 19.33 12.71 3.25
N ARG B 37 18.49 13.02 4.23
CA ARG B 37 17.42 13.97 4.04
C ARG B 37 17.55 15.15 5.01
N ASN B 38 17.65 16.35 4.46
CA ASN B 38 17.79 17.55 5.28
C ASN B 38 16.45 17.95 5.90
N LYS B 39 16.49 18.95 6.78
CA LYS B 39 15.28 19.42 7.45
C LYS B 39 15.01 20.88 7.10
N MET A 1 -11.31 -13.81 -8.21
CA MET A 1 -11.50 -13.08 -9.45
C MET A 1 -12.60 -12.03 -9.30
N LYS A 2 -13.81 -12.48 -9.01
CA LYS A 2 -14.94 -11.58 -8.83
C LYS A 2 -15.77 -11.98 -7.61
N LYS A 3 -15.79 -11.10 -6.61
CA LYS A 3 -16.53 -11.36 -5.39
C LYS A 3 -17.31 -10.11 -4.95
N ASP A 4 -18.40 -10.33 -4.22
CA ASP A 4 -19.23 -9.22 -3.74
C ASP A 4 -18.53 -8.47 -2.62
N GLU A 5 -18.85 -7.18 -2.50
CA GLU A 5 -18.24 -6.34 -1.47
C GLU A 5 -19.01 -5.03 -1.32
N THR A 6 -20.00 -5.03 -0.43
CA THR A 6 -20.82 -3.84 -0.18
C THR A 6 -19.94 -2.65 0.16
N PRO A 7 -20.51 -1.44 0.01
CA PRO A 7 -19.80 -0.19 0.31
C PRO A 7 -19.57 0.01 1.80
N PHE A 8 -18.34 0.32 2.17
CA PHE A 8 -18.00 0.53 3.57
C PHE A 8 -16.76 1.43 3.69
N GLY A 9 -17.00 2.69 4.04
CA GLY A 9 -15.90 3.63 4.19
C GLY A 9 -15.26 3.99 2.86
N VAL A 10 -15.83 4.98 2.19
CA VAL A 10 -15.31 5.42 0.90
C VAL A 10 -13.95 6.08 1.05
N SER A 11 -13.89 7.11 1.88
CA SER A 11 -12.64 7.84 2.12
C SER A 11 -11.52 6.87 2.48
N VAL A 12 -11.88 5.78 3.15
CA VAL A 12 -10.91 4.78 3.57
C VAL A 12 -10.42 3.95 2.38
N ALA A 13 -11.36 3.39 1.63
CA ALA A 13 -11.04 2.59 0.47
C ALA A 13 -10.28 3.40 -0.58
N VAL A 14 -10.65 4.68 -0.70
CA VAL A 14 -10.01 5.57 -1.66
C VAL A 14 -8.54 5.80 -1.30
N GLY A 15 -8.31 6.29 -0.09
CA GLY A 15 -6.95 6.55 0.36
C GLY A 15 -6.10 5.30 0.35
N LEU A 16 -6.56 4.26 1.03
CA LEU A 16 -5.83 3.00 1.11
C LEU A 16 -5.46 2.50 -0.28
N ALA A 17 -6.46 2.42 -1.16
CA ALA A 17 -6.24 1.96 -2.53
C ALA A 17 -5.11 2.72 -3.19
N VAL A 18 -5.19 4.06 -3.14
CA VAL A 18 -4.17 4.91 -3.74
C VAL A 18 -2.77 4.51 -3.27
N PHE A 19 -2.62 4.34 -1.96
CA PHE A 19 -1.34 3.97 -1.38
C PHE A 19 -0.86 2.64 -1.96
N ALA A 20 -1.70 1.62 -1.87
CA ALA A 20 -1.35 0.30 -2.39
C ALA A 20 -1.04 0.36 -3.88
N CYS A 21 -1.79 1.18 -4.61
CA CYS A 21 -1.58 1.33 -6.04
C CYS A 21 -0.16 1.79 -6.34
N LEU A 22 0.32 2.75 -5.55
CA LEU A 22 1.67 3.28 -5.73
C LEU A 22 2.72 2.22 -5.43
N PHE A 23 2.51 1.46 -4.38
CA PHE A 23 3.44 0.40 -3.99
C PHE A 23 3.64 -0.59 -5.13
N LEU A 24 2.54 -1.00 -5.74
CA LEU A 24 2.59 -1.95 -6.85
C LEU A 24 3.24 -1.33 -8.08
N SER A 25 3.03 -0.02 -8.25
CA SER A 25 3.59 0.70 -9.39
C SER A 25 5.10 0.86 -9.24
N THR A 26 5.55 1.10 -8.00
CA THR A 26 6.97 1.28 -7.73
C THR A 26 7.74 -0.03 -7.95
N LEU A 27 7.23 -1.12 -7.40
CA LEU A 27 7.87 -2.42 -7.55
C LEU A 27 7.86 -2.86 -9.01
N LEU A 28 6.78 -2.56 -9.71
CA LEU A 28 6.63 -2.93 -11.11
C LEU A 28 7.72 -2.28 -11.96
N LEU A 29 7.95 -0.98 -11.72
CA LEU A 29 8.98 -0.25 -12.46
C LEU A 29 10.37 -0.74 -12.09
N VAL A 30 10.58 -1.02 -10.81
CA VAL A 30 11.87 -1.50 -10.34
C VAL A 30 12.31 -2.74 -11.10
N LEU A 31 11.40 -3.70 -11.24
CA LEU A 31 11.70 -4.95 -11.94
C LEU A 31 11.94 -4.68 -13.42
N ASN A 32 11.02 -3.97 -14.05
CA ASN A 32 11.14 -3.64 -15.47
C ASN A 32 12.46 -2.94 -15.76
N LYS A 33 12.94 -2.16 -14.78
CA LYS A 33 14.19 -1.44 -14.93
C LYS A 33 15.38 -2.34 -14.61
N ALA A 34 15.15 -3.33 -13.76
CA ALA A 34 16.21 -4.26 -13.37
C ALA A 34 15.61 -5.58 -12.86
N GLY A 35 15.61 -6.59 -13.73
CA GLY A 35 15.08 -7.89 -13.36
C GLY A 35 15.46 -8.98 -14.34
N ARG A 36 16.37 -9.86 -13.90
CA ARG A 36 16.82 -10.95 -14.75
C ARG A 36 15.96 -12.20 -14.54
N ARG A 37 15.90 -13.05 -15.56
CA ARG A 37 15.11 -14.27 -15.49
C ARG A 37 16.02 -15.50 -15.49
N ASN A 38 15.60 -16.53 -14.76
CA ASN A 38 16.38 -17.77 -14.69
C ASN A 38 15.57 -18.96 -15.18
N LYS A 39 16.19 -19.79 -16.02
CA LYS A 39 15.53 -20.96 -16.56
C LYS A 39 16.05 -22.24 -15.92
N MET B 1 -3.17 8.65 20.13
CA MET B 1 -3.32 7.76 21.26
C MET B 1 -4.66 7.03 21.20
N LYS B 2 -5.75 7.79 21.27
CA LYS B 2 -7.09 7.22 21.23
C LYS B 2 -8.00 8.04 20.32
N LYS B 3 -8.46 7.43 19.23
CA LYS B 3 -9.33 8.11 18.28
C LYS B 3 -10.48 7.20 17.87
N ASP B 4 -11.62 7.81 17.55
CA ASP B 4 -12.80 7.05 17.14
C ASP B 4 -12.66 6.57 15.70
N GLU B 5 -13.29 5.43 15.41
CA GLU B 5 -13.22 4.85 14.07
C GLU B 5 -14.23 3.71 13.92
N THR B 6 -15.45 4.06 13.51
CA THR B 6 -16.50 3.08 13.33
C THR B 6 -16.06 1.97 12.37
N PRO B 7 -16.75 0.82 12.45
CA PRO B 7 -16.45 -0.33 11.59
C PRO B 7 -16.82 -0.09 10.13
N PHE B 8 -15.87 -0.29 9.24
CA PHE B 8 -16.10 -0.10 7.81
C PHE B 8 -15.14 -0.95 6.98
N GLY B 9 -15.64 -2.05 6.45
CA GLY B 9 -14.81 -2.94 5.64
C GLY B 9 -13.65 -3.53 6.43
N VAL B 10 -13.92 -4.60 7.15
CA VAL B 10 -12.90 -5.26 7.95
C VAL B 10 -11.85 -5.92 7.07
N SER B 11 -12.28 -6.94 6.32
CA SER B 11 -11.38 -7.66 5.42
C SER B 11 -10.66 -6.70 4.48
N VAL B 12 -11.34 -5.61 4.12
CA VAL B 12 -10.76 -4.62 3.23
C VAL B 12 -9.70 -3.78 3.95
N ALA B 13 -10.07 -3.21 5.09
CA ALA B 13 -9.16 -2.39 5.87
C ALA B 13 -7.93 -3.18 6.28
N VAL B 14 -8.13 -4.46 6.62
CA VAL B 14 -7.03 -5.33 7.03
C VAL B 14 -6.05 -5.55 5.89
N GLY B 15 -6.56 -6.04 4.77
CA GLY B 15 -5.71 -6.30 3.62
C GLY B 15 -5.03 -5.03 3.11
N LEU B 16 -5.82 -4.00 2.83
CA LEU B 16 -5.29 -2.74 2.34
C LEU B 16 -4.19 -2.21 3.27
N ALA B 17 -4.51 -2.14 4.55
CA ALA B 17 -3.55 -1.65 5.55
C ALA B 17 -2.22 -2.39 5.43
N VAL B 18 -2.29 -3.73 5.46
CA VAL B 18 -1.09 -4.55 5.36
C VAL B 18 -0.23 -4.13 4.16
N PHE B 19 -0.89 -3.99 3.01
CA PHE B 19 -0.18 -3.61 1.78
C PHE B 19 0.52 -2.26 1.96
N ALA B 20 -0.24 -1.26 2.39
CA ALA B 20 0.31 0.08 2.59
C ALA B 20 1.43 0.05 3.62
N CYS B 21 1.26 -0.76 4.66
CA CYS B 21 2.27 -0.88 5.71
C CYS B 21 3.62 -1.31 5.13
N LEU B 22 3.58 -2.28 4.23
CA LEU B 22 4.80 -2.79 3.60
C LEU B 22 5.45 -1.71 2.73
N PHE B 23 4.63 -0.98 1.99
CA PHE B 23 5.11 0.08 1.12
C PHE B 23 5.93 1.10 1.91
N LEU B 24 5.40 1.51 3.06
CA LEU B 24 6.07 2.48 3.91
C LEU B 24 7.34 1.89 4.53
N SER B 25 7.30 0.59 4.79
CA SER B 25 8.44 -0.11 5.38
C SER B 25 9.58 -0.23 4.37
N THR B 26 9.22 -0.42 3.10
CA THR B 26 10.22 -0.56 2.04
C THR B 26 10.91 0.76 1.77
N LEU B 27 10.13 1.82 1.62
CA LEU B 27 10.68 3.15 1.36
C LEU B 27 11.52 3.63 2.54
N LEU B 28 11.11 3.25 3.75
CA LEU B 28 11.82 3.66 4.96
C LEU B 28 13.17 2.94 5.04
N LEU B 29 13.19 1.67 4.67
CA LEU B 29 14.42 0.88 4.71
C LEU B 29 15.44 1.42 3.71
N VAL B 30 15.02 1.56 2.45
CA VAL B 30 15.90 2.06 1.41
C VAL B 30 16.43 3.45 1.76
N LEU B 31 15.54 4.32 2.22
CA LEU B 31 15.92 5.68 2.59
C LEU B 31 16.84 5.68 3.80
N ASN B 32 16.43 4.99 4.86
CA ASN B 32 17.23 4.90 6.07
C ASN B 32 18.62 4.35 5.78
N LYS B 33 18.70 3.48 4.78
CA LYS B 33 19.97 2.88 4.40
C LYS B 33 20.77 3.82 3.49
N ALA B 34 20.06 4.69 2.78
CA ALA B 34 20.70 5.64 1.88
C ALA B 34 19.79 6.84 1.62
N GLY B 35 20.05 7.94 2.31
CA GLY B 35 19.25 9.14 2.15
C GLY B 35 19.88 10.35 2.79
N ARG B 36 20.38 11.26 1.96
CA ARG B 36 21.01 12.48 2.47
C ARG B 36 20.00 13.61 2.59
N ARG B 37 20.28 14.55 3.50
CA ARG B 37 19.40 15.68 3.72
C ARG B 37 20.04 16.98 3.26
N ASN B 38 19.22 17.90 2.74
CA ASN B 38 19.72 19.18 2.26
C ASN B 38 19.06 20.33 3.01
N LYS B 39 19.88 21.29 3.42
CA LYS B 39 19.38 22.46 4.16
C LYS B 39 19.39 23.70 3.28
N MET A 1 -13.04 -13.79 -6.35
CA MET A 1 -14.12 -12.81 -6.27
C MET A 1 -15.24 -13.31 -5.34
N LYS A 2 -15.83 -12.38 -4.60
CA LYS A 2 -16.91 -12.72 -3.68
C LYS A 2 -18.27 -12.65 -4.38
N LYS A 3 -19.20 -13.51 -3.96
CA LYS A 3 -20.52 -13.54 -4.54
C LYS A 3 -21.25 -12.22 -4.32
N ASP A 4 -20.86 -11.51 -3.26
CA ASP A 4 -21.47 -10.22 -2.94
C ASP A 4 -20.43 -9.11 -2.97
N GLU A 5 -20.89 -7.87 -2.83
CA GLU A 5 -20.00 -6.72 -2.84
C GLU A 5 -20.75 -5.44 -2.47
N THR A 6 -20.88 -5.19 -1.17
CA THR A 6 -21.58 -4.01 -0.69
C THR A 6 -20.60 -2.90 -0.32
N PRO A 7 -21.11 -1.66 -0.27
CA PRO A 7 -20.29 -0.49 0.06
C PRO A 7 -19.88 -0.49 1.53
N PHE A 8 -18.59 -0.21 1.78
CA PHE A 8 -18.07 -0.17 3.13
C PHE A 8 -16.87 0.77 3.23
N GLY A 9 -17.09 1.96 3.76
CA GLY A 9 -16.02 2.93 3.90
C GLY A 9 -15.45 3.36 2.55
N VAL A 10 -15.94 4.48 2.04
CA VAL A 10 -15.48 5.01 0.76
C VAL A 10 -14.17 5.77 0.91
N SER A 11 -14.19 6.79 1.77
CA SER A 11 -13.00 7.60 2.02
C SER A 11 -11.80 6.73 2.34
N VAL A 12 -12.04 5.65 3.08
CA VAL A 12 -10.97 4.73 3.47
C VAL A 12 -10.48 3.93 2.28
N ALA A 13 -11.41 3.30 1.57
CA ALA A 13 -11.07 2.50 0.40
C ALA A 13 -10.32 3.33 -0.64
N VAL A 14 -10.70 4.60 -0.76
CA VAL A 14 -10.07 5.51 -1.72
C VAL A 14 -8.61 5.75 -1.35
N GLY A 15 -8.38 6.25 -0.13
CA GLY A 15 -7.04 6.51 0.31
C GLY A 15 -6.16 5.27 0.33
N LEU A 16 -6.63 4.23 1.00
CA LEU A 16 -5.89 2.98 1.08
C LEU A 16 -5.50 2.47 -0.30
N ALA A 17 -6.49 2.38 -1.18
CA ALA A 17 -6.25 1.92 -2.55
C ALA A 17 -5.12 2.70 -3.20
N VAL A 18 -5.23 4.03 -3.16
CA VAL A 18 -4.21 4.90 -3.75
C VAL A 18 -2.81 4.51 -3.26
N PHE A 19 -2.67 4.34 -1.96
CA PHE A 19 -1.38 3.98 -1.37
C PHE A 19 -0.87 2.66 -1.96
N ALA A 20 -1.71 1.63 -1.89
CA ALA A 20 -1.35 0.32 -2.41
C ALA A 20 -1.01 0.39 -3.89
N CYS A 21 -1.77 1.21 -4.63
CA CYS A 21 -1.56 1.36 -6.06
C CYS A 21 -0.14 1.85 -6.35
N LEU A 22 0.33 2.81 -5.56
CA LEU A 22 1.67 3.35 -5.73
C LEU A 22 2.72 2.31 -5.43
N PHE A 23 2.51 1.53 -4.37
CA PHE A 23 3.45 0.48 -3.98
C PHE A 23 3.66 -0.51 -5.12
N LEU A 24 2.56 -0.95 -5.73
CA LEU A 24 2.61 -1.90 -6.83
C LEU A 24 3.26 -1.28 -8.05
N SER A 25 3.06 0.03 -8.22
CA SER A 25 3.61 0.76 -9.35
C SER A 25 5.12 0.91 -9.21
N THR A 26 5.57 1.19 -7.99
CA THR A 26 6.99 1.37 -7.72
C THR A 26 7.76 0.07 -7.94
N LEU A 27 7.24 -1.02 -7.41
CA LEU A 27 7.88 -2.33 -7.55
C LEU A 27 7.85 -2.80 -9.00
N LEU A 28 6.76 -2.48 -9.71
CA LEU A 28 6.61 -2.85 -11.10
C LEU A 28 7.71 -2.22 -11.96
N LEU A 29 7.96 -0.94 -11.71
CA LEU A 29 8.99 -0.21 -12.46
C LEU A 29 10.38 -0.72 -12.11
N VAL A 30 10.59 -1.00 -10.83
CA VAL A 30 11.89 -1.50 -10.36
C VAL A 30 12.31 -2.75 -11.12
N LEU A 31 11.38 -3.70 -11.22
CA LEU A 31 11.66 -4.96 -11.92
C LEU A 31 11.84 -4.72 -13.42
N ASN A 32 10.93 -3.96 -14.00
CA ASN A 32 10.99 -3.65 -15.43
C ASN A 32 12.34 -3.03 -15.79
N LYS A 33 12.86 -2.18 -14.90
CA LYS A 33 14.14 -1.53 -15.11
C LYS A 33 15.29 -2.47 -14.79
N ALA A 34 15.10 -3.31 -13.78
CA ALA A 34 16.13 -4.26 -13.37
C ALA A 34 15.51 -5.43 -12.60
N GLY A 35 15.34 -6.55 -13.28
CA GLY A 35 14.77 -7.72 -12.64
C GLY A 35 13.91 -8.54 -13.59
N ARG A 36 14.53 -9.09 -14.63
CA ARG A 36 13.82 -9.89 -15.61
C ARG A 36 13.55 -11.30 -15.07
N ARG A 37 12.39 -11.84 -15.40
CA ARG A 37 12.02 -13.18 -14.95
C ARG A 37 12.04 -14.17 -16.11
N ASN A 38 11.84 -15.44 -15.81
CA ASN A 38 11.84 -16.49 -16.82
C ASN A 38 10.82 -17.58 -16.49
N LYS A 39 9.96 -17.89 -17.44
CA LYS A 39 8.94 -18.90 -17.26
C LYS A 39 9.55 -20.30 -17.25
N MET B 1 -12.28 13.02 17.63
CA MET B 1 -13.03 11.77 17.79
C MET B 1 -14.42 11.90 17.18
N LYS B 2 -14.90 10.81 16.57
CA LYS B 2 -16.22 10.81 15.95
C LYS B 2 -17.29 10.38 16.95
N LYS B 3 -18.48 10.93 16.80
CA LYS B 3 -19.60 10.61 17.68
C LYS B 3 -19.96 9.13 17.58
N ASP B 4 -19.73 8.54 16.41
CA ASP B 4 -20.03 7.13 16.20
C ASP B 4 -18.79 6.38 15.73
N GLU B 5 -18.89 5.06 15.67
CA GLU B 5 -17.77 4.22 15.24
C GLU B 5 -18.20 2.77 15.11
N THR B 6 -18.86 2.44 14.01
CA THR B 6 -19.32 1.08 13.76
C THR B 6 -18.42 0.36 12.77
N PRO B 7 -18.48 -0.98 12.78
CA PRO B 7 -17.68 -1.81 11.88
C PRO B 7 -18.13 -1.71 10.42
N PHE B 8 -17.16 -1.58 9.52
CA PHE B 8 -17.47 -1.47 8.09
C PHE B 8 -16.31 -2.01 7.25
N GLY B 9 -16.49 -3.22 6.74
CA GLY B 9 -15.45 -3.84 5.92
C GLY B 9 -14.16 -4.05 6.69
N VAL B 10 -14.00 -5.22 7.27
CA VAL B 10 -12.80 -5.54 8.04
C VAL B 10 -11.70 -6.09 7.13
N SER B 11 -12.03 -7.15 6.39
CA SER B 11 -11.07 -7.78 5.48
C SER B 11 -10.45 -6.74 4.56
N VAL B 12 -11.24 -5.75 4.17
CA VAL B 12 -10.76 -4.69 3.28
C VAL B 12 -9.72 -3.82 3.98
N ALA B 13 -10.08 -3.28 5.14
CA ALA B 13 -9.17 -2.43 5.90
C ALA B 13 -7.92 -3.19 6.30
N VAL B 14 -8.10 -4.47 6.64
CA VAL B 14 -6.97 -5.31 7.04
C VAL B 14 -5.99 -5.51 5.90
N GLY B 15 -6.50 -6.04 4.79
CA GLY B 15 -5.65 -6.28 3.63
C GLY B 15 -5.00 -5.01 3.12
N LEU B 16 -5.81 -4.00 2.83
CA LEU B 16 -5.30 -2.73 2.34
C LEU B 16 -4.20 -2.19 3.26
N ALA B 17 -4.51 -2.11 4.55
CA ALA B 17 -3.56 -1.61 5.53
C ALA B 17 -2.21 -2.34 5.42
N VAL B 18 -2.27 -3.66 5.46
CA VAL B 18 -1.07 -4.48 5.35
C VAL B 18 -0.22 -4.06 4.15
N PHE B 19 -0.86 -3.94 3.00
CA PHE B 19 -0.17 -3.54 1.77
C PHE B 19 0.53 -2.20 1.96
N ALA B 20 -0.24 -1.19 2.38
CA ALA B 20 0.32 0.14 2.59
C ALA B 20 1.44 0.12 3.62
N CYS B 21 1.27 -0.70 4.66
CA CYS B 21 2.27 -0.80 5.71
C CYS B 21 3.62 -1.22 5.14
N LEU B 22 3.60 -2.20 4.23
CA LEU B 22 4.82 -2.70 3.60
C LEU B 22 5.46 -1.62 2.74
N PHE B 23 4.63 -0.89 2.00
CA PHE B 23 5.11 0.18 1.12
C PHE B 23 5.92 1.19 1.91
N LEU B 24 5.38 1.64 3.03
CA LEU B 24 6.05 2.62 3.87
C LEU B 24 7.30 2.01 4.51
N SER B 25 7.26 0.71 4.78
CA SER B 25 8.39 0.02 5.39
C SER B 25 9.54 -0.13 4.41
N THR B 26 9.20 -0.36 3.14
CA THR B 26 10.19 -0.52 2.09
C THR B 26 10.91 0.79 1.81
N LEU B 27 10.15 1.86 1.68
CA LEU B 27 10.72 3.18 1.41
C LEU B 27 11.55 3.67 2.59
N LEU B 28 11.13 3.31 3.80
CA LEU B 28 11.84 3.71 5.01
C LEU B 28 13.15 2.95 5.14
N LEU B 29 13.15 1.69 4.72
CA LEU B 29 14.35 0.86 4.80
C LEU B 29 15.40 1.35 3.80
N VAL B 30 15.00 1.48 2.54
CA VAL B 30 15.91 1.94 1.49
C VAL B 30 16.50 3.30 1.84
N LEU B 31 15.64 4.22 2.30
CA LEU B 31 16.08 5.56 2.66
C LEU B 31 17.02 5.52 3.85
N ASN B 32 16.61 4.80 4.89
CA ASN B 32 17.42 4.68 6.11
C ASN B 32 18.81 4.15 5.78
N LYS B 33 18.88 3.26 4.79
CA LYS B 33 20.16 2.68 4.38
C LYS B 33 20.96 3.67 3.54
N ALA B 34 20.26 4.49 2.78
CA ALA B 34 20.90 5.48 1.94
C ALA B 34 19.97 6.65 1.65
N GLY B 35 20.14 7.74 2.40
CA GLY B 35 19.31 8.91 2.20
C GLY B 35 18.99 9.62 3.51
N ARG B 36 20.03 10.11 4.17
CA ARG B 36 19.85 10.81 5.45
C ARG B 36 19.39 12.24 5.22
N ARG B 37 18.51 12.71 6.10
CA ARG B 37 17.98 14.08 5.99
C ARG B 37 18.54 14.97 7.10
N ASN B 38 18.24 16.26 7.03
CA ASN B 38 18.72 17.20 8.03
C ASN B 38 17.67 18.28 8.29
N LYS B 39 17.33 18.47 9.57
CA LYS B 39 16.34 19.47 9.96
C LYS B 39 16.91 20.88 9.81
#